data_7P4Y
#
_entry.id   7P4Y
#
_cell.length_a   103.461
_cell.length_b   103.460
_cell.length_c   178.491
_cell.angle_alpha   90.000
_cell.angle_beta   90.000
_cell.angle_gamma   90.000
#
_symmetry.space_group_name_H-M   'P 2 21 21'
#
loop_
_entity.id
_entity.type
_entity.pdbx_description
1 polymer 'GlnK2 from Methanothermococcus thermolithotrophicus'
2 non-polymer 'CHLORIDE ION'
3 water water
#
_entity_poly.entity_id   1
_entity_poly.type   'polypeptide(L)'
_entity_poly.pdbx_seq_one_letter_code
;MGSSHHHHHHSSGLVPRGSHMKKVEAIIRPERLDIVKNSLTDAGYVGMTVSEVKGRGIQGGIVERYRGREYTVDLLPKIK
IELVVKEEDVEKIIDIICENAKTGNQGDGKVFIIPVEEVVRVRTKERGRGAI
;
_entity_poly.pdbx_strand_id   A,B,C,D,E,F,G,H,I,J,K,L
#
# COMPACT_ATOMS: atom_id res chain seq x y z
N GLY A 18 15.96 -5.27 32.79
CA GLY A 18 14.73 -5.94 32.28
C GLY A 18 14.08 -5.17 31.14
N SER A 19 14.81 -5.01 30.04
CA SER A 19 14.26 -4.32 28.88
C SER A 19 13.09 -5.07 28.27
N HIS A 20 13.12 -6.40 28.33
CA HIS A 20 12.08 -7.25 27.73
C HIS A 20 12.02 -7.06 26.22
N MET A 21 13.18 -6.77 25.62
CA MET A 21 13.34 -6.67 24.17
C MET A 21 14.56 -7.51 23.81
N LYS A 22 14.43 -8.32 22.76
CA LYS A 22 15.48 -9.26 22.39
C LYS A 22 15.73 -9.21 20.90
N LYS A 23 16.94 -9.57 20.51
CA LYS A 23 17.33 -9.70 19.11
C LYS A 23 17.43 -11.19 18.77
N VAL A 24 16.70 -11.60 17.74
CA VAL A 24 16.74 -12.97 17.24
C VAL A 24 17.64 -12.98 16.01
N GLU A 25 18.77 -13.69 16.10
CA GLU A 25 19.74 -13.78 15.02
C GLU A 25 19.82 -15.24 14.59
N ALA A 26 19.39 -15.52 13.35
CA ALA A 26 19.35 -16.88 12.83
C ALA A 26 20.17 -16.95 11.53
N ILE A 27 21.00 -17.98 11.44
CA ILE A 27 21.74 -18.31 10.23
C ILE A 27 21.09 -19.54 9.63
N ILE A 28 20.65 -19.43 8.38
CA ILE A 28 19.91 -20.50 7.71
C ILE A 28 20.43 -20.66 6.28
N ARG A 29 19.95 -21.70 5.63
CA ARG A 29 20.31 -21.94 4.24
C ARG A 29 19.63 -20.92 3.33
N PRO A 30 20.33 -20.43 2.30
CA PRO A 30 19.70 -19.44 1.41
C PRO A 30 18.43 -19.97 0.76
N GLU A 31 18.36 -21.27 0.47
CA GLU A 31 17.18 -21.87 -0.16
C GLU A 31 16.00 -22.00 0.79
N ARG A 32 16.16 -21.63 2.06
CA ARG A 32 15.07 -21.67 3.04
C ARG A 32 14.59 -20.29 3.41
N LEU A 33 15.06 -19.24 2.73
CA LEU A 33 14.70 -17.88 3.10
C LEU A 33 13.23 -17.62 2.88
N ASP A 34 12.73 -17.88 1.67
CA ASP A 34 11.34 -17.58 1.36
C ASP A 34 10.40 -18.30 2.31
N ILE A 35 10.62 -19.60 2.52
CA ILE A 35 9.73 -20.36 3.37
C ILE A 35 9.80 -19.85 4.80
N VAL A 36 10.99 -19.51 5.26
CA VAL A 36 11.14 -18.94 6.59
C VAL A 36 10.58 -17.54 6.62
N LYS A 37 10.86 -16.70 5.62
CA LYS A 37 10.33 -15.31 5.59
C LYS A 37 8.81 -15.34 5.48
N ASN A 38 8.26 -16.13 4.56
CA ASN A 38 6.81 -16.11 4.41
C ASN A 38 6.12 -16.66 5.66
N SER A 39 6.73 -17.66 6.31
CA SER A 39 6.12 -18.21 7.54
C SER A 39 6.12 -17.16 8.64
N LEU A 40 7.19 -16.35 8.72
CA LEU A 40 7.25 -15.32 9.76
C LEU A 40 6.24 -14.21 9.51
N THR A 41 6.14 -13.80 8.24
CA THR A 41 5.19 -12.77 7.79
C THR A 41 3.78 -13.20 8.19
N ASP A 42 3.46 -14.48 7.96
CA ASP A 42 2.15 -15.04 8.27
C ASP A 42 1.87 -15.01 9.76
N ALA A 43 2.91 -15.10 10.59
CA ALA A 43 2.76 -15.05 12.03
C ALA A 43 2.74 -13.62 12.58
N GLY A 44 2.84 -12.61 11.72
CA GLY A 44 2.81 -11.23 12.15
C GLY A 44 4.14 -10.60 12.45
N TYR A 45 5.24 -11.23 12.04
CA TYR A 45 6.59 -10.74 12.30
C TYR A 45 7.18 -10.20 11.00
N VAL A 46 7.08 -8.88 10.82
CA VAL A 46 7.47 -8.23 9.57
C VAL A 46 8.81 -7.54 9.74
N GLY A 47 9.11 -7.08 10.95
CA GLY A 47 10.37 -6.41 11.20
C GLY A 47 11.52 -7.40 11.08
N MET A 48 12.21 -7.37 9.95
CA MET A 48 13.30 -8.36 9.75
C MET A 48 14.37 -7.81 8.81
N THR A 49 15.63 -8.14 9.14
CA THR A 49 16.80 -7.76 8.37
C THR A 49 17.40 -9.02 7.76
N VAL A 50 17.75 -8.95 6.48
CA VAL A 50 18.29 -10.10 5.75
C VAL A 50 19.63 -9.70 5.13
N SER A 51 20.63 -10.55 5.28
CA SER A 51 21.97 -10.27 4.76
C SER A 51 22.58 -11.55 4.20
N GLU A 52 23.44 -11.39 3.21
CA GLU A 52 24.16 -12.50 2.60
C GLU A 52 25.49 -12.68 3.32
N VAL A 53 25.74 -13.88 3.82
CA VAL A 53 26.93 -14.20 4.58
C VAL A 53 27.45 -15.56 4.14
N LYS A 54 28.54 -16.00 4.76
CA LYS A 54 29.12 -17.31 4.53
C LYS A 54 29.31 -18.00 5.88
N GLY A 55 29.18 -19.32 5.86
CA GLY A 55 29.28 -20.08 7.09
C GLY A 55 29.77 -21.49 6.85
N ARG A 56 30.33 -22.08 7.92
CA ARG A 56 30.82 -23.46 7.94
C ARG A 56 31.00 -24.08 6.56
N ASP A 74 35.47 -25.22 4.13
CA ASP A 74 34.70 -24.51 3.10
C ASP A 74 33.86 -23.41 3.73
N LEU A 75 33.52 -22.39 2.93
CA LEU A 75 32.69 -21.27 3.35
C LEU A 75 31.52 -21.18 2.39
N LEU A 76 30.40 -21.80 2.77
CA LEU A 76 29.20 -21.87 1.88
C LEU A 76 28.30 -20.64 2.07
N PRO A 77 27.66 -20.13 1.00
CA PRO A 77 26.76 -18.98 1.10
C PRO A 77 25.61 -19.31 2.05
N LYS A 78 25.31 -18.41 2.99
CA LYS A 78 24.23 -18.62 3.98
C LYS A 78 23.42 -17.33 4.10
N ILE A 79 22.31 -17.40 4.82
CA ILE A 79 21.45 -16.24 5.01
C ILE A 79 21.29 -15.98 6.50
N LYS A 80 21.54 -14.74 6.91
CA LYS A 80 21.34 -14.31 8.28
C LYS A 80 20.07 -13.47 8.35
N ILE A 81 19.21 -13.81 9.32
CA ILE A 81 17.99 -13.06 9.58
C ILE A 81 18.08 -12.48 10.98
N GLU A 82 17.70 -11.21 11.13
CA GLU A 82 17.71 -10.53 12.42
C GLU A 82 16.34 -9.93 12.67
N LEU A 83 15.78 -10.22 13.85
CA LEU A 83 14.52 -9.63 14.28
C LEU A 83 14.70 -9.12 15.71
N VAL A 84 14.44 -7.84 15.91
CA VAL A 84 14.40 -7.24 17.24
C VAL A 84 12.94 -7.16 17.66
N VAL A 85 12.57 -7.89 18.71
CA VAL A 85 11.16 -8.09 19.05
C VAL A 85 11.00 -8.03 20.58
N LYS A 86 9.74 -8.12 20.98
CA LYS A 86 9.36 -8.17 22.41
C LYS A 86 9.76 -9.55 22.93
N GLU A 87 10.25 -9.62 24.15
CA GLU A 87 10.73 -10.89 24.70
C GLU A 87 9.67 -11.98 24.61
N GLU A 88 8.40 -11.63 24.82
CA GLU A 88 7.34 -12.64 24.85
C GLU A 88 7.15 -13.32 23.51
N ASP A 89 7.63 -12.71 22.42
CA ASP A 89 7.49 -13.28 21.09
C ASP A 89 8.65 -14.20 20.71
N VAL A 90 9.68 -14.29 21.55
CA VAL A 90 10.90 -14.99 21.15
C VAL A 90 10.60 -16.46 20.83
N GLU A 91 9.94 -17.16 21.76
CA GLU A 91 9.73 -18.59 21.57
C GLU A 91 8.92 -18.88 20.31
N LYS A 92 7.89 -18.09 20.06
CA LYS A 92 7.10 -18.28 18.84
C LYS A 92 7.98 -18.18 17.61
N ILE A 93 8.84 -17.16 17.55
CA ILE A 93 9.69 -16.96 16.38
C ILE A 93 10.68 -18.11 16.26
N ILE A 94 11.23 -18.57 17.38
CA ILE A 94 12.14 -19.71 17.34
C ILE A 94 11.45 -20.90 16.68
N ASP A 95 10.22 -21.19 17.10
CA ASP A 95 9.50 -22.31 16.51
C ASP A 95 9.35 -22.12 15.01
N ILE A 96 8.93 -20.92 14.58
CA ILE A 96 8.71 -20.69 13.16
C ILE A 96 10.01 -20.85 12.39
N ILE A 97 11.08 -20.20 12.87
CA ILE A 97 12.37 -20.31 12.21
C ILE A 97 12.83 -21.76 12.24
N CYS A 98 12.77 -22.38 13.43
CA CYS A 98 13.22 -23.76 13.57
C CYS A 98 12.42 -24.68 12.68
N GLU A 99 11.09 -24.52 12.68
CA GLU A 99 10.19 -25.41 11.88
C GLU A 99 10.55 -25.36 10.39
N ASN A 100 10.45 -24.18 9.79
CA ASN A 100 10.68 -23.94 8.33
C ASN A 100 12.14 -24.13 7.90
N ALA A 101 13.11 -23.77 8.73
CA ALA A 101 14.52 -23.86 8.30
C ALA A 101 15.03 -25.30 8.30
N LYS A 102 14.43 -26.17 9.12
CA LYS A 102 14.90 -27.57 9.25
C LYS A 102 14.83 -28.30 7.90
N THR A 103 15.81 -29.13 7.56
CA THR A 103 15.85 -29.95 6.33
C THR A 103 16.31 -31.35 6.77
N GLY A 104 16.72 -31.46 8.04
CA GLY A 104 17.19 -32.76 8.59
C GLY A 104 18.65 -33.03 8.29
N ASN A 105 19.29 -32.19 7.48
CA ASN A 105 20.71 -32.40 7.10
C ASN A 105 21.60 -31.44 7.88
N GLN A 106 22.88 -31.75 7.97
CA GLN A 106 23.86 -30.94 8.66
C GLN A 106 24.04 -29.61 7.93
N GLY A 107 24.17 -28.54 8.72
CA GLY A 107 24.26 -27.20 8.16
C GLY A 107 22.95 -26.45 8.12
N ASP A 108 21.92 -26.92 8.84
CA ASP A 108 20.63 -26.26 8.79
C ASP A 108 20.68 -24.87 9.40
N GLY A 109 21.58 -24.65 10.35
CA GLY A 109 21.80 -23.35 10.93
C GLY A 109 21.53 -23.36 12.42
N LYS A 110 21.60 -22.16 13.00
CA LYS A 110 21.38 -21.97 14.43
C LYS A 110 20.63 -20.67 14.64
N VAL A 111 20.00 -20.56 15.80
CA VAL A 111 19.28 -19.35 16.21
C VAL A 111 19.94 -18.84 17.49
N PHE A 112 20.25 -17.55 17.50
CA PHE A 112 20.87 -16.90 18.65
C PHE A 112 19.94 -15.85 19.23
N ILE A 113 19.92 -15.77 20.55
CA ILE A 113 19.16 -14.76 21.28
C ILE A 113 20.15 -13.82 21.94
N ILE A 114 20.06 -12.53 21.59
CA ILE A 114 21.00 -11.53 22.11
C ILE A 114 20.19 -10.47 22.84
N PRO A 115 20.62 -10.03 24.03
CA PRO A 115 19.87 -8.99 24.73
C PRO A 115 19.96 -7.65 24.03
N VAL A 116 18.84 -6.91 24.04
CA VAL A 116 18.77 -5.56 23.50
C VAL A 116 18.30 -4.65 24.63
N GLU A 117 19.12 -3.67 24.98
CA GLU A 117 18.82 -2.80 26.13
C GLU A 117 17.97 -1.59 25.75
N GLU A 118 17.92 -1.23 24.46
CA GLU A 118 17.08 -0.11 24.04
C GLU A 118 16.84 -0.21 22.55
N VAL A 119 15.65 0.23 22.13
CA VAL A 119 15.29 0.32 20.73
C VAL A 119 14.68 1.69 20.48
N VAL A 120 15.13 2.37 19.43
CA VAL A 120 14.64 3.70 19.08
C VAL A 120 14.27 3.71 17.60
N ARG A 121 13.13 4.35 17.33
CA ARG A 121 12.60 4.59 15.96
C ARG A 121 13.25 5.87 15.45
N VAL A 122 13.92 5.80 14.29
CA VAL A 122 14.61 6.99 13.74
C VAL A 122 13.62 8.12 13.44
N ARG A 123 12.47 7.78 12.85
CA ARG A 123 11.44 8.76 12.40
C ARG A 123 10.94 9.69 13.52
N THR A 124 10.63 9.14 14.71
CA THR A 124 10.02 9.97 15.77
C THR A 124 10.87 9.98 17.04
N LYS A 125 12.05 9.38 16.99
CA LYS A 125 12.94 9.28 18.18
C LYS A 125 12.22 8.58 19.33
N GLU A 126 11.13 7.87 19.04
CA GLU A 126 10.47 7.13 20.10
C GLU A 126 11.34 5.96 20.55
N ARG A 127 11.32 5.70 21.85
CA ARG A 127 12.17 4.71 22.47
C ARG A 127 11.31 3.65 23.18
N GLY A 128 11.93 2.53 23.50
CA GLY A 128 11.28 1.47 24.24
C GLY A 128 10.63 0.43 23.34
N ARG A 129 9.69 -0.30 23.93
CA ARG A 129 8.95 -1.42 23.27
C ARG A 129 7.93 -0.88 22.27
N GLY A 130 7.55 0.39 22.41
CA GLY A 130 6.65 1.04 21.44
C GLY A 130 7.32 1.14 20.08
N ALA A 131 8.63 1.41 20.07
CA ALA A 131 9.48 1.53 18.86
C ALA A 131 9.54 0.22 18.10
N ILE A 132 9.56 -0.92 18.79
CA ILE A 132 9.60 -2.25 18.12
C ILE A 132 8.48 -2.33 17.07
N GLY B 18 23.23 -17.46 35.22
CA GLY B 18 24.21 -17.13 34.15
C GLY B 18 24.02 -17.94 32.89
N SER B 19 24.15 -17.29 31.74
CA SER B 19 23.97 -17.96 30.42
C SER B 19 25.17 -18.85 30.07
N HIS B 20 26.39 -18.31 30.22
CA HIS B 20 27.67 -19.01 29.92
C HIS B 20 27.85 -19.24 28.41
N MET B 21 27.19 -18.41 27.59
CA MET B 21 27.28 -18.47 26.11
C MET B 21 27.64 -17.07 25.62
N LYS B 22 28.64 -16.95 24.73
CA LYS B 22 29.04 -15.59 24.29
C LYS B 22 29.20 -15.54 22.77
N LYS B 23 29.05 -14.35 22.20
CA LYS B 23 29.30 -14.20 20.74
C LYS B 23 30.59 -13.42 20.56
N VAL B 24 31.51 -14.00 19.80
CA VAL B 24 32.79 -13.38 19.46
C VAL B 24 32.62 -12.71 18.11
N GLU B 25 32.68 -11.38 18.09
CA GLU B 25 32.51 -10.59 16.87
C GLU B 25 33.78 -9.79 16.62
N ALA B 26 34.47 -10.11 15.53
CA ALA B 26 35.73 -9.48 15.18
C ALA B 26 35.66 -8.88 13.78
N ILE B 27 36.18 -7.67 13.64
CA ILE B 27 36.35 -7.00 12.35
C ILE B 27 37.84 -7.10 12.06
N ILE B 28 38.19 -7.63 10.89
CA ILE B 28 39.58 -7.91 10.54
C ILE B 28 39.81 -7.57 9.08
N ARG B 29 41.07 -7.59 8.69
CA ARG B 29 41.44 -7.34 7.30
C ARG B 29 41.02 -8.52 6.44
N PRO B 30 40.50 -8.28 5.23
CA PRO B 30 40.12 -9.41 4.36
C PRO B 30 41.27 -10.35 4.07
N GLU B 31 42.50 -9.83 3.96
CA GLU B 31 43.65 -10.68 3.65
C GLU B 31 44.08 -11.56 4.81
N ARG B 32 43.43 -11.44 5.97
CA ARG B 32 43.75 -12.27 7.13
C ARG B 32 42.66 -13.29 7.42
N LEU B 33 41.64 -13.42 6.56
CA LEU B 33 40.52 -14.30 6.85
C LEU B 33 40.96 -15.77 6.84
N ASP B 34 41.58 -16.21 5.75
CA ASP B 34 41.96 -17.60 5.64
C ASP B 34 42.88 -18.02 6.78
N ILE B 35 43.86 -17.17 7.10
CA ILE B 35 44.82 -17.51 8.15
C ILE B 35 44.11 -17.61 9.49
N VAL B 36 43.17 -16.70 9.75
CA VAL B 36 42.43 -16.74 11.01
C VAL B 36 41.46 -17.91 11.02
N LYS B 37 40.75 -18.13 9.92
CA LYS B 37 39.81 -19.25 9.84
C LYS B 37 40.53 -20.57 10.11
N ASN B 38 41.60 -20.84 9.37
CA ASN B 38 42.29 -22.11 9.50
C ASN B 38 42.86 -22.29 10.90
N SER B 39 43.34 -21.19 11.51
CA SER B 39 43.86 -21.29 12.87
C SER B 39 42.76 -21.70 13.85
N LEU B 40 41.55 -21.16 13.66
CA LEU B 40 40.43 -21.52 14.53
C LEU B 40 40.02 -22.96 14.30
N THR B 41 39.93 -23.38 13.03
CA THR B 41 39.56 -24.77 12.76
C THR B 41 40.56 -25.74 13.37
N ASP B 42 41.86 -25.42 13.28
CA ASP B 42 42.87 -26.30 13.86
C ASP B 42 42.70 -26.43 15.37
N ALA B 43 42.19 -25.40 16.02
CA ALA B 43 41.96 -25.43 17.47
C ALA B 43 40.60 -26.02 17.83
N GLY B 44 39.83 -26.45 16.84
CA GLY B 44 38.53 -27.05 17.08
C GLY B 44 37.36 -26.10 17.08
N TYR B 45 37.54 -24.87 16.62
CA TYR B 45 36.48 -23.88 16.55
C TYR B 45 36.10 -23.70 15.08
N VAL B 46 35.10 -24.45 14.63
CA VAL B 46 34.70 -24.42 13.20
C VAL B 46 33.40 -23.62 13.01
N GLY B 47 32.49 -23.66 13.99
CA GLY B 47 31.23 -22.96 13.83
C GLY B 47 31.44 -21.47 13.72
N MET B 48 31.35 -20.95 12.49
CA MET B 48 31.61 -19.50 12.30
C MET B 48 30.86 -18.97 11.08
N THR B 49 30.36 -17.74 11.21
CA THR B 49 29.64 -17.02 10.18
C THR B 49 30.52 -15.87 9.69
N VAL B 50 30.59 -15.69 8.37
CA VAL B 50 31.47 -14.70 7.77
C VAL B 50 30.64 -13.77 6.90
N SER B 51 30.87 -12.46 7.04
CA SER B 51 30.15 -11.45 6.27
C SER B 51 31.11 -10.36 5.85
N GLU B 52 30.84 -9.76 4.70
CA GLU B 52 31.65 -8.67 4.16
C GLU B 52 31.06 -7.33 4.57
N VAL B 53 31.90 -6.46 5.14
CA VAL B 53 31.48 -5.16 5.61
C VAL B 53 32.55 -4.14 5.18
N LYS B 54 32.30 -2.87 5.53
CA LYS B 54 33.26 -1.80 5.30
C LYS B 54 33.46 -1.03 6.60
N GLY B 55 34.68 -0.55 6.81
CA GLY B 55 34.99 0.16 8.03
C GLY B 55 36.17 1.08 7.84
N ARG B 56 36.47 1.84 8.90
CA ARG B 56 37.68 2.64 8.95
C ARG B 56 37.85 3.24 10.34
N LEU B 75 36.08 4.50 3.52
CA LEU B 75 35.43 3.28 3.98
C LEU B 75 36.00 2.07 3.24
N LEU B 76 36.95 1.40 3.87
CA LEU B 76 37.65 0.29 3.24
C LEU B 76 36.99 -1.04 3.57
N PRO B 77 37.03 -1.99 2.64
CA PRO B 77 36.39 -3.30 2.90
C PRO B 77 37.05 -4.03 4.05
N LYS B 78 36.22 -4.62 4.91
CA LYS B 78 36.67 -5.43 6.04
C LYS B 78 35.87 -6.73 6.05
N ILE B 79 36.28 -7.65 6.92
CA ILE B 79 35.61 -8.94 7.07
C ILE B 79 35.18 -9.09 8.53
N LYS B 80 33.91 -9.42 8.74
CA LYS B 80 33.38 -9.69 10.07
C LYS B 80 33.19 -11.19 10.24
N ILE B 81 33.73 -11.72 11.33
CA ILE B 81 33.58 -13.12 11.70
C ILE B 81 32.83 -13.19 13.03
N GLU B 82 31.89 -14.12 13.12
CA GLU B 82 31.09 -14.30 14.33
C GLU B 82 31.19 -15.75 14.77
N LEU B 83 31.50 -15.95 16.05
CA LEU B 83 31.53 -17.27 16.65
C LEU B 83 30.75 -17.23 17.95
N VAL B 84 29.74 -18.09 18.07
CA VAL B 84 29.01 -18.29 19.32
C VAL B 84 29.58 -19.52 20.00
N VAL B 85 30.16 -19.33 21.19
CA VAL B 85 30.96 -20.35 21.84
C VAL B 85 30.67 -20.36 23.34
N LYS B 86 31.22 -21.37 24.02
CA LYS B 86 31.16 -21.44 25.46
C LYS B 86 32.06 -20.38 26.08
N GLU B 87 31.62 -19.85 27.22
CA GLU B 87 32.33 -18.74 27.86
C GLU B 87 33.79 -19.08 28.12
N GLU B 88 34.07 -20.32 28.53
CA GLU B 88 35.44 -20.69 28.85
C GLU B 88 36.34 -20.68 27.62
N ASP B 89 35.76 -20.74 26.42
CA ASP B 89 36.54 -20.74 25.20
C ASP B 89 36.85 -19.33 24.69
N VAL B 90 36.26 -18.30 25.30
CA VAL B 90 36.38 -16.96 24.76
C VAL B 90 37.84 -16.53 24.73
N GLU B 91 38.52 -16.66 25.87
CA GLU B 91 39.91 -16.22 25.95
C GLU B 91 40.75 -16.95 24.93
N LYS B 92 40.50 -18.25 24.77
CA LYS B 92 41.22 -19.03 23.77
C LYS B 92 41.02 -18.45 22.38
N ILE B 93 39.77 -18.17 22.02
CA ILE B 93 39.47 -17.66 20.67
C ILE B 93 40.03 -16.25 20.47
N ILE B 94 39.93 -15.41 21.48
CA ILE B 94 40.50 -14.06 21.37
C ILE B 94 41.97 -14.15 21.02
N ASP B 95 42.70 -15.02 21.72
CA ASP B 95 44.13 -15.19 21.44
C ASP B 95 44.34 -15.59 19.99
N ILE B 96 43.56 -16.57 19.51
CA ILE B 96 43.76 -17.07 18.15
C ILE B 96 43.51 -15.96 17.13
N ILE B 97 42.40 -15.25 17.27
CA ILE B 97 42.09 -14.17 16.32
C ILE B 97 43.16 -13.10 16.36
N CYS B 98 43.48 -12.62 17.57
CA CYS B 98 44.44 -11.53 17.71
C CYS B 98 45.81 -11.93 17.16
N GLU B 99 46.24 -13.16 17.44
CA GLU B 99 47.58 -13.58 17.03
C GLU B 99 47.70 -13.71 15.52
N ASN B 100 46.60 -14.05 14.84
CA ASN B 100 46.65 -14.31 13.41
C ASN B 100 46.09 -13.17 12.57
N ALA B 101 45.32 -12.27 13.19
CA ALA B 101 44.75 -11.13 12.44
C ALA B 101 45.74 -9.95 12.52
N LYS B 102 46.67 -9.97 13.48
CA LYS B 102 47.61 -8.83 13.64
C LYS B 102 48.69 -8.80 12.55
N THR B 103 48.88 -7.62 11.94
CA THR B 103 49.93 -7.39 10.91
C THR B 103 50.92 -6.34 11.44
N GLY B 104 50.54 -5.62 12.50
CA GLY B 104 51.40 -4.60 13.11
C GLY B 104 51.13 -3.19 12.62
N ASN B 105 50.10 -2.98 11.79
CA ASN B 105 49.77 -1.63 11.28
C ASN B 105 48.38 -1.20 11.80
N GLN B 106 48.04 0.08 11.65
CA GLN B 106 46.73 0.55 12.05
C GLN B 106 45.67 -0.07 11.16
N GLY B 107 44.53 -0.45 11.75
CA GLY B 107 43.48 -1.13 11.04
C GLY B 107 43.46 -2.64 11.17
N ASP B 108 44.20 -3.17 12.15
CA ASP B 108 44.25 -4.65 12.34
C ASP B 108 42.88 -5.16 12.81
N GLY B 109 41.99 -4.25 13.20
CA GLY B 109 40.64 -4.64 13.62
C GLY B 109 40.45 -4.72 15.13
N LYS B 110 39.26 -5.14 15.55
CA LYS B 110 38.93 -5.25 17.00
C LYS B 110 38.03 -6.48 17.22
N VAL B 111 38.08 -7.04 18.43
CA VAL B 111 37.28 -8.24 18.80
C VAL B 111 36.27 -7.79 19.86
N PHE B 112 34.99 -8.13 19.66
CA PHE B 112 33.95 -7.75 20.65
C PHE B 112 33.34 -9.03 21.23
N ILE B 113 33.03 -8.98 22.53
CA ILE B 113 32.34 -10.09 23.20
C ILE B 113 30.95 -9.60 23.57
N ILE B 114 29.93 -10.29 23.06
CA ILE B 114 28.54 -9.89 23.27
C ILE B 114 27.81 -11.03 23.96
N PRO B 115 26.98 -10.76 24.97
CA PRO B 115 26.30 -11.86 25.66
C PRO B 115 25.26 -12.52 24.76
N VAL B 116 25.17 -13.84 24.87
CA VAL B 116 24.17 -14.64 24.16
C VAL B 116 23.37 -15.40 25.21
N GLU B 117 22.07 -15.16 25.25
CA GLU B 117 21.22 -15.77 26.26
C GLU B 117 20.68 -17.13 25.87
N GLU B 118 20.68 -17.46 24.59
CA GLU B 118 20.20 -18.78 24.15
C GLU B 118 20.71 -19.06 22.75
N VAL B 119 20.98 -20.35 22.50
CA VAL B 119 21.37 -20.85 21.19
C VAL B 119 20.50 -22.06 20.90
N VAL B 120 19.96 -22.12 19.68
CA VAL B 120 19.07 -23.21 19.27
C VAL B 120 19.59 -23.79 17.96
N ARG B 121 19.69 -25.12 17.89
CA ARG B 121 20.10 -25.80 16.67
C ARG B 121 18.87 -26.07 15.81
N VAL B 122 18.92 -25.62 14.56
CA VAL B 122 17.75 -25.73 13.69
C VAL B 122 17.41 -27.19 13.45
N ARG B 123 18.43 -28.00 13.13
CA ARG B 123 18.25 -29.43 12.76
C ARG B 123 17.54 -30.23 13.86
N THR B 124 17.92 -30.02 15.11
CA THR B 124 17.41 -30.82 16.22
C THR B 124 16.65 -30.04 17.28
N LYS B 125 16.66 -28.71 17.18
CA LYS B 125 16.00 -27.80 18.17
C LYS B 125 16.63 -27.91 19.56
N GLU B 126 17.86 -28.44 19.64
CA GLU B 126 18.59 -28.47 20.91
C GLU B 126 18.99 -27.06 21.33
N ARG B 127 18.88 -26.78 22.64
CA ARG B 127 19.21 -25.44 23.16
C ARG B 127 20.39 -25.53 24.12
N GLY B 128 20.91 -24.37 24.54
CA GLY B 128 22.04 -24.31 25.48
C GLY B 128 23.36 -24.61 24.79
N ARG B 129 24.35 -25.02 25.57
CA ARG B 129 25.73 -25.34 25.10
C ARG B 129 25.72 -26.50 24.08
N GLY B 130 24.74 -27.39 24.18
CA GLY B 130 24.62 -28.55 23.27
C GLY B 130 24.47 -28.10 21.82
N ALA B 131 23.68 -27.05 21.59
CA ALA B 131 23.46 -26.46 20.25
C ALA B 131 24.73 -25.80 19.71
N ILE B 132 25.56 -25.25 20.61
CA ILE B 132 26.83 -24.58 20.20
C ILE B 132 27.67 -25.57 19.40
N SER C 19 30.29 -3.39 32.17
CA SER C 19 31.38 -3.20 31.17
C SER C 19 31.40 -1.74 30.70
N HIS C 20 30.30 -1.02 30.90
CA HIS C 20 30.18 0.41 30.50
C HIS C 20 30.52 0.57 29.02
N MET C 21 30.41 -0.51 28.24
CA MET C 21 30.69 -0.49 26.78
C MET C 21 29.39 -0.95 26.11
N LYS C 22 29.04 -0.36 24.96
CA LYS C 22 27.77 -0.77 24.29
C LYS C 22 27.98 -0.76 22.78
N LYS C 23 27.15 -1.53 22.07
CA LYS C 23 27.15 -1.60 20.61
C LYS C 23 25.91 -0.89 20.10
N VAL C 24 26.09 0.10 19.23
CA VAL C 24 25.00 0.81 18.59
C VAL C 24 24.82 0.26 17.18
N GLU C 25 23.67 -0.36 16.94
CA GLU C 25 23.34 -0.97 15.66
C GLU C 25 22.12 -0.29 15.08
N ALA C 26 22.28 0.38 13.94
CA ALA C 26 21.21 1.13 13.32
C ALA C 26 20.98 0.64 11.89
N ILE C 27 19.71 0.46 11.54
CA ILE C 27 19.28 0.14 10.18
C ILE C 27 18.62 1.39 9.60
N ILE C 28 19.14 1.89 8.49
CA ILE C 28 18.68 3.15 7.92
C ILE C 28 18.54 3.00 6.40
N ARG C 29 18.00 4.05 5.79
CA ARG C 29 17.88 4.09 4.34
C ARG C 29 19.26 4.25 3.72
N PRO C 30 19.54 3.60 2.60
CA PRO C 30 20.87 3.74 1.99
C PRO C 30 21.25 5.16 1.66
N GLU C 31 20.29 6.01 1.28
CA GLU C 31 20.59 7.39 0.91
C GLU C 31 20.92 8.28 2.11
N ARG C 32 20.88 7.77 3.34
CA ARG C 32 21.20 8.56 4.51
C ARG C 32 22.53 8.16 5.13
N LEU C 33 23.27 7.25 4.50
CA LEU C 33 24.51 6.75 5.09
C LEU C 33 25.55 7.86 5.19
N ASP C 34 25.80 8.55 4.07
CA ASP C 34 26.86 9.56 4.06
C ASP C 34 26.60 10.65 5.10
N ILE C 35 25.37 11.16 5.16
CA ILE C 35 25.08 12.24 6.09
C ILE C 35 25.22 11.76 7.52
N VAL C 36 24.77 10.54 7.81
CA VAL C 36 24.94 9.99 9.15
C VAL C 36 26.39 9.63 9.40
N LYS C 37 27.03 8.97 8.43
CA LYS C 37 28.44 8.62 8.57
C LYS C 37 29.29 9.86 8.79
N ASN C 38 29.18 10.85 7.90
CA ASN C 38 30.00 12.05 8.01
C ASN C 38 29.70 12.81 9.28
N SER C 39 28.43 12.84 9.70
CA SER C 39 28.06 13.52 10.93
C SER C 39 28.69 12.86 12.14
N LEU C 40 28.74 11.53 12.18
CA LEU C 40 29.32 10.85 13.32
C LEU C 40 30.83 11.08 13.39
N THR C 41 31.53 10.95 12.26
CA THR C 41 32.96 11.24 12.25
C THR C 41 33.22 12.68 12.66
N ASP C 42 32.39 13.62 12.20
CA ASP C 42 32.54 15.01 12.60
C ASP C 42 32.43 15.17 14.10
N ALA C 43 31.65 14.30 14.75
CA ALA C 43 31.48 14.32 16.20
C ALA C 43 32.56 13.53 16.92
N GLY C 44 33.53 12.99 16.20
CA GLY C 44 34.60 12.22 16.81
C GLY C 44 34.37 10.73 16.87
N TYR C 45 33.37 10.22 16.15
CA TYR C 45 33.04 8.79 16.13
C TYR C 45 33.47 8.21 14.79
N VAL C 46 34.71 7.71 14.74
CA VAL C 46 35.30 7.18 13.48
C VAL C 46 35.22 5.65 13.43
N GLY C 47 35.28 4.99 14.60
CA GLY C 47 35.19 3.55 14.64
C GLY C 47 33.78 3.05 14.39
N MET C 48 33.52 2.56 13.18
CA MET C 48 32.17 2.17 12.79
C MET C 48 32.26 1.16 11.66
N THR C 49 31.34 0.19 11.68
CA THR C 49 31.25 -0.83 10.63
C THR C 49 29.95 -0.67 9.86
N VAL C 50 30.04 -0.77 8.54
CA VAL C 50 28.91 -0.55 7.64
C VAL C 50 28.73 -1.80 6.80
N SER C 51 27.47 -2.23 6.67
CA SER C 51 27.14 -3.43 5.90
C SER C 51 25.87 -3.20 5.10
N GLU C 52 25.77 -3.87 3.96
CA GLU C 52 24.59 -3.81 3.11
C GLU C 52 23.64 -4.94 3.48
N VAL C 53 22.39 -4.59 3.77
CA VAL C 53 21.37 -5.54 4.18
C VAL C 53 20.07 -5.23 3.45
N LYS C 54 19.05 -6.07 3.72
CA LYS C 54 17.71 -5.91 3.10
C LYS C 54 16.66 -5.87 4.21
N GLY C 55 15.58 -5.12 3.98
CA GLY C 55 14.48 -4.98 4.96
C GLY C 55 13.16 -4.75 4.27
N ARG C 56 12.06 -4.80 5.02
CA ARG C 56 10.70 -4.59 4.46
C ARG C 56 10.19 -3.21 4.88
N ASP C 74 9.38 -4.27 0.52
CA ASP C 74 9.59 -5.74 0.70
C ASP C 74 11.02 -6.09 0.28
N LEU C 75 11.86 -6.50 1.24
CA LEU C 75 13.24 -6.87 0.95
C LEU C 75 13.95 -5.80 0.13
N LEU C 76 13.84 -4.55 0.60
CA LEU C 76 14.43 -3.39 -0.05
C LEU C 76 15.81 -3.12 0.54
N PRO C 77 16.74 -2.60 -0.25
CA PRO C 77 18.09 -2.37 0.28
C PRO C 77 18.09 -1.39 1.45
N LYS C 78 18.82 -1.75 2.50
CA LYS C 78 19.02 -0.92 3.68
C LYS C 78 20.50 -0.95 4.03
N ILE C 79 20.88 -0.10 4.99
CA ILE C 79 22.26 -0.01 5.45
C ILE C 79 22.30 -0.26 6.94
N LYS C 80 23.19 -1.16 7.37
CA LYS C 80 23.42 -1.41 8.79
C LYS C 80 24.74 -0.78 9.19
N ILE C 81 24.70 0.00 10.28
CA ILE C 81 25.90 0.69 10.85
C ILE C 81 26.07 0.21 12.30
N GLU C 82 27.29 -0.27 12.64
CA GLU C 82 27.56 -0.77 13.98
C GLU C 82 28.69 0.04 14.59
N LEU C 83 28.48 0.52 15.80
CA LEU C 83 29.49 1.25 16.55
C LEU C 83 29.56 0.69 17.96
N VAL C 84 30.74 0.24 18.38
CA VAL C 84 31.01 -0.15 19.75
C VAL C 84 31.71 1.03 20.43
N VAL C 85 31.07 1.59 21.46
CA VAL C 85 31.50 2.86 22.04
C VAL C 85 31.37 2.79 23.56
N LYS C 86 31.89 3.82 24.22
CA LYS C 86 31.70 3.95 25.66
C LYS C 86 30.23 4.30 25.93
N GLU C 87 29.71 3.75 27.03
CA GLU C 87 28.28 3.88 27.32
C GLU C 87 27.85 5.34 27.34
N GLU C 88 28.70 6.21 27.90
CA GLU C 88 28.32 7.65 28.05
C GLU C 88 28.13 8.32 26.69
N ASP C 89 28.70 7.78 25.62
CA ASP C 89 28.60 8.38 24.30
C ASP C 89 27.39 7.89 23.53
N VAL C 90 26.67 6.92 24.04
CA VAL C 90 25.59 6.34 23.27
C VAL C 90 24.55 7.41 22.88
N GLU C 91 24.19 8.31 23.82
CA GLU C 91 22.97 9.15 23.67
C GLU C 91 23.03 10.10 22.48
N LYS C 92 24.21 10.73 22.36
CA LYS C 92 24.54 11.67 21.27
C LYS C 92 24.52 10.90 19.94
N ILE C 93 25.04 9.67 19.94
CA ILE C 93 25.09 8.87 18.74
C ILE C 93 23.67 8.49 18.34
N ILE C 94 22.82 8.17 19.32
CA ILE C 94 21.42 7.97 19.01
C ILE C 94 20.88 9.25 18.38
N ASP C 95 21.19 10.39 19.00
CA ASP C 95 20.74 11.67 18.48
C ASP C 95 21.23 11.90 17.06
N ILE C 96 22.52 11.67 16.82
CA ILE C 96 23.08 11.95 15.49
C ILE C 96 22.42 11.07 14.45
N ILE C 97 22.31 9.78 14.74
CA ILE C 97 21.72 8.84 13.78
C ILE C 97 20.28 9.22 13.49
N CYS C 98 19.47 9.39 14.54
CA CYS C 98 18.05 9.66 14.36
C CYS C 98 17.81 10.97 13.63
N GLU C 99 18.53 12.03 14.01
CA GLU C 99 18.27 13.34 13.40
C GLU C 99 18.69 13.40 11.95
N ASN C 100 19.69 12.61 11.54
CA ASN C 100 20.22 12.72 10.19
C ASN C 100 19.71 11.62 9.27
N ALA C 101 19.15 10.55 9.83
CA ALA C 101 18.57 9.48 9.05
C ALA C 101 17.07 9.68 8.81
N LYS C 102 16.41 10.47 9.66
CA LYS C 102 14.98 10.67 9.53
C LYS C 102 14.65 11.50 8.30
N THR C 103 13.55 11.12 7.64
CA THR C 103 13.05 11.84 6.48
C THR C 103 11.59 12.24 6.61
N GLY C 104 10.95 11.76 7.68
CA GLY C 104 9.54 12.06 7.98
C GLY C 104 8.61 10.99 7.43
N ASN C 105 9.17 10.02 6.68
CA ASN C 105 8.37 8.94 6.06
C ASN C 105 8.44 7.68 6.93
N GLN C 106 7.54 6.71 6.68
CA GLN C 106 7.52 5.50 7.47
C GLN C 106 8.61 4.61 6.89
N GLY C 107 9.29 3.88 7.75
CA GLY C 107 10.40 3.06 7.32
C GLY C 107 11.77 3.70 7.50
N ASP C 108 11.88 4.78 8.28
CA ASP C 108 13.16 5.47 8.41
C ASP C 108 14.21 4.60 9.08
N GLY C 109 13.79 3.63 9.88
CA GLY C 109 14.70 2.68 10.49
C GLY C 109 14.64 2.72 12.00
N LYS C 110 15.55 1.96 12.61
CA LYS C 110 15.59 1.83 14.06
C LYS C 110 17.04 1.80 14.52
N VAL C 111 17.22 2.12 15.81
CA VAL C 111 18.51 2.05 16.48
C VAL C 111 18.39 1.08 17.63
N PHE C 112 19.34 0.15 17.73
CA PHE C 112 19.36 -0.85 18.79
C PHE C 112 20.59 -0.67 19.65
N ILE C 113 20.43 -0.83 20.96
CA ILE C 113 21.53 -0.77 21.92
C ILE C 113 21.74 -2.16 22.49
N ILE C 114 22.93 -2.71 22.27
CA ILE C 114 23.25 -4.08 22.68
C ILE C 114 24.44 -4.02 23.62
N PRO C 115 24.44 -4.78 24.73
CA PRO C 115 25.59 -4.73 25.65
C PRO C 115 26.81 -5.37 25.01
N VAL C 116 27.97 -4.78 25.30
CA VAL C 116 29.26 -5.31 24.88
C VAL C 116 30.09 -5.53 26.13
N GLU C 117 30.47 -6.79 26.38
CA GLU C 117 31.15 -7.15 27.61
C GLU C 117 32.67 -7.00 27.53
N GLU C 118 33.25 -6.97 26.33
CA GLU C 118 34.70 -6.81 26.22
C GLU C 118 35.05 -6.34 24.82
N VAL C 119 36.10 -5.53 24.75
CA VAL C 119 36.65 -5.06 23.49
C VAL C 119 38.16 -5.29 23.53
N VAL C 120 38.70 -5.86 22.46
CA VAL C 120 40.13 -6.16 22.36
C VAL C 120 40.64 -5.63 21.04
N ARG C 121 41.78 -4.90 21.11
CA ARG C 121 42.45 -4.37 19.90
C ARG C 121 43.37 -5.44 19.29
N VAL C 122 43.05 -5.91 18.08
CA VAL C 122 43.84 -6.99 17.49
C VAL C 122 45.34 -6.73 17.48
N ARG C 123 45.73 -5.52 17.05
CA ARG C 123 47.18 -5.18 16.92
C ARG C 123 47.88 -5.18 18.28
N THR C 124 47.60 -4.18 19.12
CA THR C 124 48.26 -4.01 20.45
C THR C 124 47.72 -5.00 21.49
N LYS C 125 46.55 -5.59 21.21
CA LYS C 125 45.87 -6.59 22.09
C LYS C 125 45.45 -5.93 23.41
N GLU C 126 45.18 -4.63 23.37
CA GLU C 126 44.73 -3.85 24.56
C GLU C 126 43.23 -4.12 24.74
N ARG C 127 42.79 -4.31 25.98
CA ARG C 127 41.35 -4.58 26.21
C ARG C 127 40.69 -3.50 27.05
N GLY C 128 39.37 -3.59 27.22
CA GLY C 128 38.56 -2.65 28.00
C GLY C 128 38.16 -1.40 27.24
N ARG C 129 37.85 -0.34 27.97
CA ARG C 129 37.38 0.95 27.40
C ARG C 129 38.55 1.65 26.69
N GLY C 130 39.79 1.31 27.06
CA GLY C 130 40.94 1.91 26.37
C GLY C 130 41.04 1.43 24.94
N ALA C 131 40.65 0.19 24.69
CA ALA C 131 40.69 -0.46 23.36
C ALA C 131 39.75 0.22 22.36
N ILE C 132 38.61 0.75 22.84
CA ILE C 132 37.61 1.43 21.97
C ILE C 132 38.31 2.58 21.24
N GLY D 18 -0.62 14.23 23.06
CA GLY D 18 -0.12 13.45 21.90
C GLY D 18 0.18 12.01 22.26
N SER D 19 -0.86 11.24 22.57
CA SER D 19 -0.68 9.83 22.92
C SER D 19 -0.25 9.01 21.72
N HIS D 20 -0.72 9.38 20.52
CA HIS D 20 -0.40 8.63 19.29
C HIS D 20 -0.93 7.20 19.37
N MET D 21 -2.06 7.04 20.08
CA MET D 21 -2.78 5.78 20.17
C MET D 21 -4.22 6.10 19.82
N LYS D 22 -4.77 5.35 18.84
CA LYS D 22 -6.15 5.64 18.39
C LYS D 22 -6.98 4.36 18.32
N LYS D 23 -8.28 4.51 18.54
CA LYS D 23 -9.25 3.42 18.48
C LYS D 23 -10.01 3.46 17.15
N VAL D 24 -10.01 2.34 16.44
CA VAL D 24 -10.77 2.19 15.20
C VAL D 24 -12.03 1.42 15.52
N GLU D 25 -13.18 2.06 15.35
CA GLU D 25 -14.48 1.44 15.61
C GLU D 25 -15.27 1.42 14.30
N ALA D 26 -15.51 0.22 13.78
CA ALA D 26 -16.18 0.05 12.49
C ALA D 26 -17.41 -0.83 12.64
N ILE D 27 -18.51 -0.40 12.04
CA ILE D 27 -19.75 -1.17 11.95
C ILE D 27 -19.90 -1.62 10.50
N ILE D 28 -20.02 -2.94 10.29
CA ILE D 28 -20.08 -3.51 8.95
C ILE D 28 -21.18 -4.55 8.91
N ARG D 29 -21.44 -5.05 7.70
CA ARG D 29 -22.43 -6.11 7.52
C ARG D 29 -21.88 -7.41 8.09
N PRO D 30 -22.73 -8.22 8.72
CA PRO D 30 -22.23 -9.50 9.27
C PRO D 30 -21.59 -10.39 8.22
N GLU D 31 -22.10 -10.36 6.99
CA GLU D 31 -21.59 -11.20 5.91
C GLU D 31 -20.24 -10.73 5.38
N ARG D 32 -19.71 -9.61 5.87
CA ARG D 32 -18.41 -9.10 5.45
C ARG D 32 -17.36 -9.24 6.53
N LEU D 33 -17.68 -9.91 7.64
CA LEU D 33 -16.74 -9.98 8.75
C LEU D 33 -15.49 -10.79 8.37
N ASP D 34 -15.69 -12.01 7.89
CA ASP D 34 -14.54 -12.86 7.57
C ASP D 34 -13.61 -12.18 6.57
N ILE D 35 -14.19 -11.60 5.52
CA ILE D 35 -13.40 -10.97 4.47
C ILE D 35 -12.63 -9.79 5.04
N VAL D 36 -13.25 -9.01 5.92
CA VAL D 36 -12.55 -7.90 6.56
C VAL D 36 -11.52 -8.43 7.55
N LYS D 37 -11.93 -9.44 8.33
CA LYS D 37 -11.06 -10.05 9.36
C LYS D 37 -9.81 -10.66 8.72
N ASN D 38 -9.98 -11.41 7.62
CA ASN D 38 -8.85 -12.05 6.96
C ASN D 38 -7.96 -11.03 6.27
N SER D 39 -8.56 -9.96 5.73
CA SER D 39 -7.76 -8.92 5.10
C SER D 39 -6.88 -8.22 6.13
N LEU D 40 -7.43 -7.98 7.33
CA LEU D 40 -6.66 -7.33 8.38
C LEU D 40 -5.54 -8.22 8.88
N THR D 41 -5.81 -9.51 9.08
CA THR D 41 -4.76 -10.42 9.51
C THR D 41 -3.60 -10.45 8.52
N ASP D 42 -3.92 -10.44 7.22
CA ASP D 42 -2.87 -10.43 6.21
C ASP D 42 -2.02 -9.17 6.32
N ALA D 43 -2.60 -8.06 6.76
CA ALA D 43 -1.87 -6.82 6.91
C ALA D 43 -1.17 -6.69 8.25
N GLY D 44 -1.26 -7.70 9.11
CA GLY D 44 -0.57 -7.68 10.39
C GLY D 44 -1.33 -7.08 11.54
N TYR D 45 -2.64 -6.87 11.39
CA TYR D 45 -3.48 -6.29 12.43
C TYR D 45 -4.38 -7.40 12.97
N VAL D 46 -3.92 -8.02 14.06
CA VAL D 46 -4.59 -9.19 14.63
C VAL D 46 -5.37 -8.78 15.87
N GLY D 47 -4.87 -7.79 16.58
CA GLY D 47 -5.54 -7.32 17.77
C GLY D 47 -6.83 -6.61 17.45
N MET D 48 -7.96 -7.29 17.68
CA MET D 48 -9.26 -6.76 17.29
C MET D 48 -10.33 -7.41 18.16
N THR D 49 -11.33 -6.63 18.52
CA THR D 49 -12.47 -7.11 19.29
C THR D 49 -13.72 -7.06 18.42
N VAL D 50 -14.52 -8.11 18.48
CA VAL D 50 -15.70 -8.25 17.64
C VAL D 50 -16.92 -8.44 18.54
N SER D 51 -17.98 -7.69 18.25
CA SER D 51 -19.21 -7.74 19.02
C SER D 51 -20.39 -7.65 18.07
N GLU D 52 -21.49 -8.28 18.46
CA GLU D 52 -22.72 -8.26 17.67
C GLU D 52 -23.61 -7.11 18.14
N VAL D 53 -24.02 -6.27 17.19
CA VAL D 53 -24.84 -5.09 17.47
C VAL D 53 -25.95 -5.03 16.40
N LYS D 54 -26.79 -4.00 16.52
CA LYS D 54 -27.85 -3.75 15.56
C LYS D 54 -27.77 -2.32 15.08
N GLY D 55 -28.17 -2.10 13.82
CA GLY D 55 -28.12 -0.77 13.23
C GLY D 55 -29.14 -0.58 12.13
N ASP D 74 -36.30 -2.20 10.03
CA ASP D 74 -35.97 -2.45 11.43
C ASP D 74 -34.47 -2.27 11.67
N LEU D 75 -34.03 -2.69 12.86
CA LEU D 75 -32.62 -2.70 13.25
C LEU D 75 -32.01 -4.04 12.82
N LEU D 76 -31.24 -4.01 11.76
CA LEU D 76 -30.70 -5.22 11.18
C LEU D 76 -29.39 -5.61 11.86
N PRO D 77 -29.11 -6.92 11.95
CA PRO D 77 -27.89 -7.35 12.63
C PRO D 77 -26.65 -6.77 11.97
N LYS D 78 -25.73 -6.29 12.79
CA LYS D 78 -24.47 -5.74 12.34
C LYS D 78 -23.32 -6.34 13.15
N ILE D 79 -22.10 -6.04 12.70
CA ILE D 79 -20.88 -6.47 13.38
C ILE D 79 -20.06 -5.23 13.69
N LYS D 80 -19.67 -5.06 14.94
CA LYS D 80 -18.76 -4.00 15.36
C LYS D 80 -17.40 -4.61 15.65
N ILE D 81 -16.36 -4.03 15.07
CA ILE D 81 -14.98 -4.42 15.33
C ILE D 81 -14.26 -3.20 15.91
N GLU D 82 -13.44 -3.44 16.94
CA GLU D 82 -12.68 -2.38 17.58
C GLU D 82 -11.21 -2.77 17.61
N LEU D 83 -10.36 -1.84 17.18
CA LEU D 83 -8.91 -2.01 17.23
C LEU D 83 -8.30 -0.76 17.84
N VAL D 84 -7.54 -0.94 18.92
CA VAL D 84 -6.72 0.12 19.50
C VAL D 84 -5.31 -0.06 18.98
N VAL D 85 -4.82 0.92 18.22
CA VAL D 85 -3.60 0.76 17.45
C VAL D 85 -2.78 2.05 17.53
N LYS D 86 -1.56 1.97 17.00
CA LYS D 86 -0.72 3.15 16.87
C LYS D 86 -1.30 4.08 15.80
N GLU D 87 -1.18 5.40 16.04
CA GLU D 87 -1.80 6.36 15.15
C GLU D 87 -1.33 6.19 13.71
N GLU D 88 -0.05 5.87 13.51
CA GLU D 88 0.48 5.77 12.16
C GLU D 88 -0.14 4.63 11.37
N ASP D 89 -0.74 3.66 12.05
CA ASP D 89 -1.35 2.52 11.37
C ASP D 89 -2.81 2.78 11.00
N VAL D 90 -3.39 3.89 11.46
CA VAL D 90 -4.83 4.08 11.31
C VAL D 90 -5.22 4.12 9.84
N GLU D 91 -4.54 4.96 9.05
CA GLU D 91 -4.95 5.17 7.68
C GLU D 91 -4.97 3.87 6.88
N LYS D 92 -3.94 3.04 7.05
CA LYS D 92 -3.93 1.75 6.36
C LYS D 92 -5.15 0.92 6.72
N ILE D 93 -5.49 0.86 8.02
CA ILE D 93 -6.58 0.02 8.45
C ILE D 93 -7.90 0.47 7.84
N ILE D 94 -8.07 1.79 7.70
CA ILE D 94 -9.27 2.30 7.03
C ILE D 94 -9.35 1.73 5.62
N ASP D 95 -8.23 1.73 4.90
CA ASP D 95 -8.21 1.21 3.54
C ASP D 95 -8.65 -0.25 3.51
N ILE D 96 -8.09 -1.07 4.40
CA ILE D 96 -8.41 -2.50 4.38
C ILE D 96 -9.90 -2.71 4.65
N ILE D 97 -10.41 -2.06 5.69
CA ILE D 97 -11.82 -2.21 6.03
C ILE D 97 -12.69 -1.71 4.88
N CYS D 98 -12.40 -0.50 4.40
CA CYS D 98 -13.20 0.09 3.35
C CYS D 98 -13.16 -0.75 2.08
N GLU D 99 -11.98 -1.24 1.71
CA GLU D 99 -11.86 -1.98 0.46
C GLU D 99 -12.57 -3.33 0.52
N ASN D 100 -12.65 -3.94 1.70
CA ASN D 100 -13.20 -5.28 1.85
C ASN D 100 -14.60 -5.31 2.43
N ALA D 101 -15.05 -4.22 3.04
CA ALA D 101 -16.39 -4.15 3.63
C ALA D 101 -17.44 -3.56 2.70
N LYS D 102 -16.99 -2.77 1.70
CA LYS D 102 -17.93 -2.08 0.77
C LYS D 102 -18.67 -3.08 -0.12
N THR D 103 -19.98 -2.87 -0.31
CA THR D 103 -20.79 -3.71 -1.18
C THR D 103 -21.44 -2.90 -2.29
N GLY D 104 -21.41 -1.57 -2.23
CA GLY D 104 -22.10 -0.74 -3.20
C GLY D 104 -23.55 -0.44 -2.87
N ASN D 105 -24.08 -1.04 -1.82
CA ASN D 105 -25.46 -0.88 -1.40
C ASN D 105 -25.53 -0.14 -0.07
N GLN D 106 -26.69 0.48 0.17
CA GLN D 106 -26.93 1.16 1.44
C GLN D 106 -26.74 0.19 2.60
N GLY D 107 -26.13 0.68 3.67
CA GLY D 107 -25.83 -0.14 4.82
C GLY D 107 -24.42 -0.70 4.87
N ASP D 108 -23.51 -0.17 4.06
CA ASP D 108 -22.12 -0.71 4.03
C ASP D 108 -21.47 -0.58 5.40
N GLY D 109 -21.73 0.53 6.09
CA GLY D 109 -21.19 0.76 7.41
C GLY D 109 -20.36 2.03 7.46
N LYS D 110 -19.74 2.26 8.62
CA LYS D 110 -18.92 3.43 8.84
C LYS D 110 -17.70 3.04 9.67
N VAL D 111 -16.66 3.87 9.59
CA VAL D 111 -15.45 3.72 10.39
C VAL D 111 -15.28 4.99 11.23
N PHE D 112 -15.05 4.81 12.52
CA PHE D 112 -14.86 5.92 13.44
C PHE D 112 -13.47 5.87 14.05
N ILE D 113 -12.86 7.04 14.21
CA ILE D 113 -11.57 7.18 14.86
C ILE D 113 -11.78 7.92 16.17
N ILE D 114 -11.43 7.27 17.28
CA ILE D 114 -11.66 7.83 18.61
C ILE D 114 -10.32 7.93 19.33
N PRO D 115 -10.03 9.03 20.02
CA PRO D 115 -8.75 9.13 20.73
C PRO D 115 -8.68 8.19 21.91
N VAL D 116 -7.50 7.61 22.12
CA VAL D 116 -7.20 6.78 23.27
C VAL D 116 -5.98 7.38 23.97
N GLU D 117 -6.15 7.78 25.22
CA GLU D 117 -5.09 8.49 25.94
C GLU D 117 -4.11 7.57 26.64
N GLU D 118 -4.47 6.32 26.90
CA GLU D 118 -3.57 5.39 27.57
C GLU D 118 -4.03 3.97 27.32
N VAL D 119 -3.07 3.06 27.25
CA VAL D 119 -3.33 1.63 27.11
C VAL D 119 -2.47 0.91 28.14
N VAL D 120 -3.07 -0.03 28.87
CA VAL D 120 -2.38 -0.78 29.91
C VAL D 120 -2.59 -2.26 29.67
N ARG D 121 -1.50 -3.03 29.72
CA ARG D 121 -1.54 -4.48 29.55
C ARG D 121 -1.83 -5.15 30.89
N VAL D 122 -2.87 -5.98 30.91
CA VAL D 122 -3.26 -6.62 32.18
C VAL D 122 -2.14 -7.50 32.70
N ARG D 123 -1.57 -8.31 31.81
CA ARG D 123 -0.53 -9.30 32.15
C ARG D 123 0.62 -8.67 32.94
N THR D 124 1.22 -7.61 32.43
CA THR D 124 2.43 -7.09 33.11
C THR D 124 2.24 -5.64 33.54
N LYS D 125 1.06 -5.08 33.25
CA LYS D 125 0.70 -3.66 33.57
C LYS D 125 1.68 -2.70 32.88
N GLU D 126 2.12 -3.03 31.65
CA GLU D 126 3.03 -2.13 30.92
C GLU D 126 2.16 -1.07 30.24
N ARG D 127 2.68 0.15 30.16
CA ARG D 127 1.86 1.25 29.58
C ARG D 127 2.54 1.84 28.34
N GLY D 128 1.74 2.56 27.54
CA GLY D 128 2.19 3.22 26.34
C GLY D 128 1.87 2.42 25.08
N ARG D 129 2.66 2.71 24.04
CA ARG D 129 2.48 2.06 22.75
C ARG D 129 3.14 0.69 22.71
N GLY D 130 4.15 0.47 23.55
CA GLY D 130 4.66 -0.88 23.77
C GLY D 130 3.59 -1.85 24.18
N ALA D 131 2.45 -1.33 24.66
CA ALA D 131 1.37 -2.17 25.16
C ALA D 131 0.40 -2.59 24.06
N ILE D 132 0.33 -1.82 22.98
CA ILE D 132 -0.47 -2.21 21.83
C ILE D 132 0.18 -3.42 21.17
N SER E 19 -12.63 19.09 15.62
CA SER E 19 -13.19 18.00 14.78
C SER E 19 -14.67 18.21 14.52
N HIS E 20 -15.37 18.78 15.51
CA HIS E 20 -16.82 19.08 15.41
C HIS E 20 -17.63 17.81 15.08
N MET E 21 -17.08 16.65 15.47
CA MET E 21 -17.74 15.33 15.26
C MET E 21 -17.77 14.65 16.64
N LYS E 22 -18.94 14.21 17.11
CA LYS E 22 -18.98 13.60 18.48
C LYS E 22 -19.83 12.34 18.50
N LYS E 23 -19.44 11.40 19.36
CA LYS E 23 -20.16 10.15 19.58
C LYS E 23 -21.05 10.27 20.81
N VAL E 24 -22.33 10.02 20.64
CA VAL E 24 -23.30 10.00 21.74
C VAL E 24 -23.50 8.55 22.15
N GLU E 25 -23.11 8.22 23.38
CA GLU E 25 -23.23 6.86 23.92
C GLU E 25 -24.15 6.90 25.13
N ALA E 26 -25.29 6.23 25.02
CA ALA E 26 -26.30 6.23 26.06
C ALA E 26 -26.60 4.80 26.50
N ILE E 27 -26.68 4.61 27.82
CA ILE E 27 -27.12 3.36 28.42
C ILE E 27 -28.53 3.58 28.93
N ILE E 28 -29.48 2.78 28.46
CA ILE E 28 -30.89 2.98 28.76
C ILE E 28 -31.54 1.64 29.10
N ARG E 29 -32.78 1.72 29.57
CA ARG E 29 -33.54 0.52 29.86
C ARG E 29 -33.97 -0.15 28.56
N PRO E 30 -33.94 -1.48 28.47
CA PRO E 30 -34.35 -2.13 27.22
C PRO E 30 -35.76 -1.80 26.80
N GLU E 31 -36.67 -1.60 27.76
CA GLU E 31 -38.07 -1.30 27.44
C GLU E 31 -38.29 0.10 26.89
N ARG E 32 -37.25 0.93 26.80
CA ARG E 32 -37.36 2.26 26.24
C ARG E 32 -36.69 2.39 24.88
N LEU E 33 -36.20 1.29 24.31
CA LEU E 33 -35.46 1.38 23.06
C LEU E 33 -36.34 1.86 21.91
N ASP E 34 -37.48 1.19 21.71
CA ASP E 34 -38.35 1.55 20.60
C ASP E 34 -38.78 3.01 20.71
N ILE E 35 -39.15 3.45 21.91
CA ILE E 35 -39.65 4.82 22.09
C ILE E 35 -38.55 5.83 21.78
N VAL E 36 -37.32 5.55 22.25
CA VAL E 36 -36.22 6.47 21.98
C VAL E 36 -35.80 6.39 20.52
N LYS E 37 -35.70 5.18 19.97
CA LYS E 37 -35.34 5.04 18.56
C LYS E 37 -36.32 5.82 17.68
N ASN E 38 -37.62 5.58 17.87
CA ASN E 38 -38.61 6.23 17.03
C ASN E 38 -38.55 7.75 17.19
N SER E 39 -38.29 8.22 18.42
CA SER E 39 -38.19 9.66 18.65
C SER E 39 -36.98 10.24 17.93
N LEU E 40 -35.85 9.54 17.94
CA LEU E 40 -34.66 10.03 17.26
C LEU E 40 -34.85 10.02 15.75
N THR E 41 -35.40 8.93 15.21
CA THR E 41 -35.68 8.87 13.79
C THR E 41 -36.64 9.97 13.36
N ASP E 42 -37.66 10.24 14.19
CA ASP E 42 -38.62 11.29 13.87
C ASP E 42 -37.93 12.64 13.72
N ALA E 43 -36.83 12.86 14.45
CA ALA E 43 -36.08 14.10 14.37
C ALA E 43 -35.04 14.07 13.26
N GLY E 44 -34.98 12.99 12.48
CA GLY E 44 -34.03 12.89 11.40
C GLY E 44 -32.71 12.23 11.74
N TYR E 45 -32.63 11.54 12.87
CA TYR E 45 -31.40 10.89 13.33
C TYR E 45 -31.56 9.38 13.16
N VAL E 46 -31.09 8.87 12.03
CA VAL E 46 -31.23 7.42 11.70
C VAL E 46 -29.93 6.67 11.96
N GLY E 47 -28.77 7.29 11.69
CA GLY E 47 -27.51 6.60 11.87
C GLY E 47 -27.32 6.27 13.34
N MET E 48 -27.60 5.01 13.70
CA MET E 48 -27.49 4.61 15.12
C MET E 48 -27.11 3.14 15.28
N THR E 49 -26.26 2.86 16.27
CA THR E 49 -25.79 1.53 16.60
C THR E 49 -26.41 1.13 17.93
N VAL E 50 -26.95 -0.10 18.00
CA VAL E 50 -27.61 -0.58 19.25
C VAL E 50 -27.01 -1.93 19.69
N SER E 51 -26.68 -2.07 20.97
CA SER E 51 -26.08 -3.33 21.48
C SER E 51 -26.71 -3.73 22.82
N GLU E 52 -26.84 -5.04 23.05
CA GLU E 52 -27.42 -5.59 24.30
C GLU E 52 -26.28 -5.73 25.32
N VAL E 53 -26.37 -5.02 26.45
CA VAL E 53 -25.35 -5.08 27.49
C VAL E 53 -26.04 -5.31 28.84
N LYS E 54 -25.24 -5.37 29.90
CA LYS E 54 -25.72 -5.51 31.26
C LYS E 54 -25.09 -4.43 32.12
N GLY E 55 -25.82 -3.97 33.14
CA GLY E 55 -25.33 -2.92 34.05
C GLY E 55 -25.94 -3.06 35.43
N ARG E 56 -25.68 -2.10 36.32
CA ARG E 56 -26.22 -2.12 37.70
C ARG E 56 -26.69 -0.71 38.10
N ASP E 74 -27.27 -9.61 39.76
CA ASP E 74 -26.66 -8.29 39.95
C ASP E 74 -26.77 -7.45 38.69
N LEU E 75 -26.32 -8.02 37.58
CA LEU E 75 -26.18 -7.31 36.31
C LEU E 75 -27.46 -7.46 35.49
N LEU E 76 -28.26 -6.43 35.47
CA LEU E 76 -29.55 -6.47 34.79
C LEU E 76 -29.36 -6.05 33.33
N PRO E 77 -30.16 -6.61 32.42
CA PRO E 77 -29.98 -6.28 31.00
C PRO E 77 -30.22 -4.80 30.73
N LYS E 78 -29.32 -4.22 29.92
CA LYS E 78 -29.42 -2.83 29.49
C LYS E 78 -29.21 -2.77 27.99
N ILE E 79 -29.44 -1.59 27.43
CA ILE E 79 -29.26 -1.34 26.01
C ILE E 79 -28.30 -0.17 25.82
N LYS E 80 -27.29 -0.38 24.99
CA LYS E 80 -26.37 0.70 24.61
C LYS E 80 -26.70 1.14 23.18
N ILE E 81 -26.89 2.43 23.00
CA ILE E 81 -27.10 3.04 21.69
C ILE E 81 -25.99 4.04 21.46
N GLU E 82 -25.44 4.05 20.25
CA GLU E 82 -24.35 4.95 19.89
C GLU E 82 -24.74 5.73 18.64
N LEU E 83 -24.58 7.06 18.70
CA LEU E 83 -24.81 7.92 17.54
C LEU E 83 -23.60 8.82 17.38
N VAL E 84 -22.97 8.77 16.22
CA VAL E 84 -21.91 9.69 15.84
C VAL E 84 -22.52 10.78 14.96
N VAL E 85 -22.47 12.02 15.40
CA VAL E 85 -23.20 13.11 14.78
C VAL E 85 -22.32 14.35 14.73
N LYS E 86 -22.80 15.37 14.04
CA LYS E 86 -22.14 16.67 14.05
C LYS E 86 -22.28 17.30 15.43
N GLU E 87 -21.25 18.02 15.85
CA GLU E 87 -21.23 18.56 17.21
C GLU E 87 -22.47 19.38 17.51
N GLU E 88 -22.96 20.14 16.52
CA GLU E 88 -24.12 21.06 16.74
C GLU E 88 -25.42 20.29 17.00
N ASP E 89 -25.42 18.98 16.79
CA ASP E 89 -26.65 18.18 16.98
C ASP E 89 -26.62 17.44 18.32
N VAL E 90 -25.58 17.64 19.13
CA VAL E 90 -25.47 16.88 20.37
C VAL E 90 -26.59 17.26 21.34
N GLU E 91 -26.74 18.56 21.61
CA GLU E 91 -27.74 19.04 22.59
C GLU E 91 -29.14 18.50 22.23
N LYS E 92 -29.52 18.54 20.96
CA LYS E 92 -30.80 17.98 20.54
C LYS E 92 -30.86 16.50 20.85
N ILE E 93 -29.78 15.77 20.57
CA ILE E 93 -29.78 14.33 20.77
C ILE E 93 -29.88 13.99 22.25
N ILE E 94 -29.17 14.74 23.11
CA ILE E 94 -29.24 14.49 24.55
C ILE E 94 -30.68 14.66 25.03
N ASP E 95 -31.31 15.77 24.62
CA ASP E 95 -32.70 16.10 25.03
C ASP E 95 -33.64 14.95 24.66
N ILE E 96 -33.55 14.46 23.42
CA ILE E 96 -34.48 13.43 22.94
C ILE E 96 -34.31 12.15 23.74
N ILE E 97 -33.06 11.72 23.94
CA ILE E 97 -32.81 10.49 24.68
C ILE E 97 -33.35 10.61 26.10
N CYS E 98 -33.00 11.70 26.78
CA CYS E 98 -33.43 11.88 28.16
C CYS E 98 -34.95 11.93 28.27
N GLU E 99 -35.60 12.64 27.34
CA GLU E 99 -37.05 12.82 27.45
C GLU E 99 -37.82 11.54 27.21
N ASN E 100 -37.27 10.61 26.43
CA ASN E 100 -37.97 9.39 26.08
C ASN E 100 -37.47 8.16 26.83
N ALA E 101 -36.28 8.23 27.42
CA ALA E 101 -35.74 7.10 28.18
C ALA E 101 -36.06 7.18 29.67
N LYS E 102 -36.37 8.37 30.18
CA LYS E 102 -36.64 8.53 31.61
C LYS E 102 -37.96 7.88 31.98
N THR E 103 -37.98 7.28 33.17
CA THR E 103 -39.18 6.64 33.71
C THR E 103 -39.55 7.15 35.10
N GLY E 104 -38.69 7.96 35.73
CA GLY E 104 -38.93 8.42 37.08
C GLY E 104 -38.36 7.53 38.16
N ASN E 105 -37.76 6.41 37.81
CA ASN E 105 -37.20 5.47 38.76
C ASN E 105 -35.69 5.46 38.65
N GLN E 106 -35.03 5.17 39.78
CA GLN E 106 -33.57 5.08 39.78
C GLN E 106 -33.13 4.00 38.79
N GLY E 107 -32.03 4.28 38.08
CA GLY E 107 -31.55 3.39 37.06
C GLY E 107 -31.95 3.73 35.65
N ASP E 108 -32.40 4.96 35.40
CA ASP E 108 -32.87 5.32 34.06
C ASP E 108 -31.74 5.28 33.03
N GLY E 109 -30.51 5.49 33.47
CA GLY E 109 -29.35 5.37 32.60
C GLY E 109 -28.58 6.67 32.51
N LYS E 110 -27.59 6.67 31.62
CA LYS E 110 -26.73 7.82 31.43
C LYS E 110 -26.44 8.01 29.94
N VAL E 111 -26.04 9.23 29.60
CA VAL E 111 -25.60 9.58 28.25
C VAL E 111 -24.17 10.10 28.35
N PHE E 112 -23.29 9.59 27.49
CA PHE E 112 -21.90 9.99 27.45
C PHE E 112 -21.59 10.65 26.12
N ILE E 113 -20.75 11.68 26.15
CA ILE E 113 -20.29 12.37 24.95
C ILE E 113 -18.80 12.07 24.78
N ILE E 114 -18.44 11.47 23.66
CA ILE E 114 -17.07 11.06 23.39
C ILE E 114 -16.58 11.74 22.12
N PRO E 115 -15.35 12.27 22.08
CA PRO E 115 -14.88 12.91 20.85
C PRO E 115 -14.62 11.88 19.76
N VAL E 116 -14.96 12.26 18.53
CA VAL E 116 -14.67 11.47 17.34
C VAL E 116 -13.88 12.36 16.39
N GLU E 117 -12.66 11.93 16.05
CA GLU E 117 -11.77 12.77 15.25
C GLU E 117 -11.93 12.58 13.75
N GLU E 118 -12.54 11.48 13.31
CA GLU E 118 -12.75 11.26 11.88
C GLU E 118 -13.84 10.22 11.71
N VAL E 119 -14.61 10.37 10.63
CA VAL E 119 -15.67 9.44 10.26
C VAL E 119 -15.51 9.09 8.78
N VAL E 120 -15.57 7.81 8.47
CA VAL E 120 -15.42 7.31 7.11
C VAL E 120 -16.59 6.38 6.81
N ARG E 121 -17.23 6.63 5.66
CA ARG E 121 -18.37 5.81 5.17
C ARG E 121 -17.79 4.68 4.33
N VAL E 122 -18.16 3.43 4.62
CA VAL E 122 -17.61 2.29 3.89
C VAL E 122 -18.05 2.33 2.44
N ARG E 123 -19.33 2.57 2.19
CA ARG E 123 -19.90 2.51 0.82
C ARG E 123 -19.18 3.43 -0.17
N THR E 124 -18.90 4.66 0.25
CA THR E 124 -18.35 5.66 -0.66
C THR E 124 -16.95 6.13 -0.30
N LYS E 125 -16.48 5.74 0.90
CA LYS E 125 -15.14 6.10 1.45
C LYS E 125 -15.04 7.62 1.72
N GLU E 126 -16.17 8.33 1.68
CA GLU E 126 -16.19 9.75 2.01
C GLU E 126 -15.77 9.98 3.46
N ARG E 127 -15.08 11.09 3.69
CA ARG E 127 -14.51 11.40 4.99
C ARG E 127 -15.14 12.68 5.52
N GLY E 128 -14.99 12.89 6.83
CA GLY E 128 -15.45 14.13 7.42
C GLY E 128 -16.89 14.07 7.89
N ARG E 129 -17.51 15.25 8.01
CA ARG E 129 -18.91 15.37 8.45
C ARG E 129 -19.83 14.85 7.36
N GLY E 130 -19.34 14.80 6.12
CA GLY E 130 -20.12 14.30 4.98
C GLY E 130 -20.48 12.84 5.17
N ALA E 131 -19.63 12.08 5.86
CA ALA E 131 -19.91 10.64 6.08
C ALA E 131 -20.89 10.42 7.23
N ILE E 132 -21.09 11.44 8.07
CA ILE E 132 -22.03 11.36 9.22
C ILE E 132 -23.46 11.18 8.69
N SER F 19 -12.14 18.63 31.28
CA SER F 19 -13.39 17.84 31.50
C SER F 19 -13.26 17.01 32.77
N HIS F 20 -12.06 16.44 33.00
CA HIS F 20 -11.73 15.62 34.19
C HIS F 20 -12.64 14.38 34.29
N MET F 21 -13.17 13.93 33.15
CA MET F 21 -14.04 12.72 33.10
C MET F 21 -13.46 11.76 32.06
N LYS F 22 -13.32 10.47 32.41
CA LYS F 22 -12.72 9.51 31.43
C LYS F 22 -13.53 8.21 31.41
N LYS F 23 -13.43 7.47 30.30
CA LYS F 23 -14.06 6.17 30.17
C LYS F 23 -12.99 5.09 30.23
N VAL F 24 -13.16 4.15 31.15
CA VAL F 24 -12.26 3.00 31.28
C VAL F 24 -12.93 1.82 30.59
N GLU F 25 -12.33 1.36 29.50
CA GLU F 25 -12.84 0.24 28.71
C GLU F 25 -11.80 -0.86 28.70
N ALA F 26 -12.13 -2.01 29.29
CA ALA F 26 -11.21 -3.11 29.42
C ALA F 26 -11.78 -4.37 28.77
N ILE F 27 -10.93 -5.08 28.04
CA ILE F 27 -11.24 -6.39 27.48
C ILE F 27 -10.46 -7.40 28.32
N ILE F 28 -11.18 -8.34 28.94
CA ILE F 28 -10.58 -9.29 29.87
C ILE F 28 -11.13 -10.68 29.61
N ARG F 29 -10.55 -11.66 30.30
CA ARG F 29 -11.02 -13.03 30.19
C ARG F 29 -12.37 -13.17 30.88
N PRO F 30 -13.30 -13.94 30.30
CA PRO F 30 -14.60 -14.10 30.96
C PRO F 30 -14.51 -14.68 32.36
N GLU F 31 -13.55 -15.58 32.60
CA GLU F 31 -13.43 -16.22 33.90
C GLU F 31 -12.87 -15.29 34.97
N ARG F 32 -12.49 -14.06 34.63
CA ARG F 32 -11.99 -13.10 35.61
C ARG F 32 -12.98 -11.96 35.83
N LEU F 33 -14.18 -12.05 35.26
CA LEU F 33 -15.15 -10.97 35.36
C LEU F 33 -15.64 -10.79 36.80
N ASP F 34 -16.12 -11.88 37.41
CA ASP F 34 -16.71 -11.77 38.74
C ASP F 34 -15.73 -11.18 39.74
N ILE F 35 -14.50 -11.67 39.75
CA ILE F 35 -13.52 -11.18 40.72
C ILE F 35 -13.19 -9.73 40.43
N VAL F 36 -13.10 -9.36 39.15
CA VAL F 36 -12.83 -7.97 38.80
C VAL F 36 -14.03 -7.09 39.12
N LYS F 37 -15.22 -7.55 38.75
CA LYS F 37 -16.44 -6.79 39.06
C LYS F 37 -16.57 -6.57 40.56
N ASN F 38 -16.53 -7.66 41.34
CA ASN F 38 -16.73 -7.53 42.78
C ASN F 38 -15.63 -6.71 43.43
N SER F 39 -14.40 -6.82 42.92
CA SER F 39 -13.31 -6.00 43.44
C SER F 39 -13.59 -4.52 43.19
N LEU F 40 -14.12 -4.19 42.02
CA LEU F 40 -14.45 -2.81 41.71
C LEU F 40 -15.62 -2.33 42.58
N THR F 41 -16.61 -3.20 42.74
CA THR F 41 -17.80 -2.89 43.58
C THR F 41 -17.34 -2.65 45.03
N ASP F 42 -16.39 -3.46 45.51
CA ASP F 42 -15.86 -3.32 46.86
C ASP F 42 -15.13 -1.99 47.05
N ALA F 43 -14.53 -1.47 45.98
CA ALA F 43 -13.82 -0.20 46.05
C ALA F 43 -14.73 1.01 45.83
N GLY F 44 -16.02 0.79 45.64
CA GLY F 44 -16.96 1.87 45.45
C GLY F 44 -17.20 2.29 44.02
N TYR F 45 -16.75 1.47 43.07
CA TYR F 45 -16.95 1.77 41.62
C TYR F 45 -18.08 0.89 41.08
N VAL F 46 -19.30 1.20 41.53
CA VAL F 46 -20.57 0.49 41.19
C VAL F 46 -21.02 0.68 39.73
N GLY F 47 -20.90 1.88 39.16
CA GLY F 47 -21.41 2.09 37.79
C GLY F 47 -20.48 1.48 36.75
N MET F 48 -21.00 0.57 35.93
CA MET F 48 -20.19 -0.13 34.91
C MET F 48 -21.09 -0.92 33.98
N THR F 49 -20.72 -0.98 32.71
CA THR F 49 -21.45 -1.73 31.69
C THR F 49 -20.61 -2.92 31.25
N VAL F 50 -21.27 -4.07 31.12
CA VAL F 50 -20.61 -5.33 30.77
C VAL F 50 -21.25 -5.88 29.51
N SER F 51 -20.41 -6.32 28.57
CA SER F 51 -20.88 -6.84 27.29
C SER F 51 -20.04 -8.03 26.87
N GLU F 52 -20.67 -8.93 26.12
CA GLU F 52 -20.00 -10.11 25.58
C GLU F 52 -19.45 -9.79 24.19
N VAL F 53 -18.17 -10.06 23.99
CA VAL F 53 -17.50 -9.80 22.72
C VAL F 53 -16.58 -10.98 22.38
N LYS F 54 -15.93 -10.88 21.23
CA LYS F 54 -14.94 -11.85 20.79
C LYS F 54 -13.67 -11.11 20.40
N GLY F 55 -12.52 -11.74 20.63
CA GLY F 55 -11.26 -11.09 20.34
C GLY F 55 -10.15 -12.09 20.03
N ARG F 56 -8.95 -11.53 19.86
CA ARG F 56 -7.76 -12.31 19.59
C ARG F 56 -7.59 -13.44 20.60
N ASP F 74 -10.88 -18.96 15.81
CA ASP F 74 -9.75 -18.18 16.31
C ASP F 74 -10.22 -17.02 17.19
N LEU F 75 -11.52 -16.75 17.15
CA LEU F 75 -12.13 -15.64 17.87
C LEU F 75 -12.75 -16.17 19.15
N LEU F 76 -12.03 -16.04 20.26
CA LEU F 76 -12.56 -16.61 21.49
C LEU F 76 -13.35 -15.57 22.27
N PRO F 77 -14.39 -15.99 22.98
CA PRO F 77 -15.22 -15.04 23.73
C PRO F 77 -14.43 -14.29 24.80
N LYS F 78 -14.67 -12.99 24.88
CA LYS F 78 -14.07 -12.12 25.88
C LYS F 78 -15.17 -11.31 26.54
N ILE F 79 -14.80 -10.56 27.58
CA ILE F 79 -15.72 -9.71 28.31
C ILE F 79 -15.21 -8.28 28.24
N LYS F 80 -16.10 -7.37 27.85
CA LYS F 80 -15.80 -5.94 27.84
C LYS F 80 -16.51 -5.27 29.01
N ILE F 81 -15.76 -4.50 29.79
CA ILE F 81 -16.30 -3.69 30.88
C ILE F 81 -16.01 -2.24 30.56
N GLU F 82 -17.01 -1.38 30.80
CA GLU F 82 -16.89 0.04 30.52
C GLU F 82 -17.27 0.81 31.78
N LEU F 83 -16.41 1.75 32.18
CA LEU F 83 -16.67 2.62 33.32
C LEU F 83 -16.39 4.06 32.92
N VAL F 84 -17.39 4.92 33.07
CA VAL F 84 -17.21 6.36 32.93
C VAL F 84 -17.06 6.93 34.33
N VAL F 85 -15.90 7.51 34.63
CA VAL F 85 -15.55 7.87 36.00
C VAL F 85 -14.85 9.23 36.01
N LYS F 86 -14.64 9.74 37.22
CA LYS F 86 -13.84 10.95 37.40
C LYS F 86 -12.38 10.63 37.13
N GLU F 87 -11.66 11.58 36.54
CA GLU F 87 -10.29 11.36 36.13
C GLU F 87 -9.43 10.86 37.29
N GLU F 88 -9.64 11.41 38.49
CA GLU F 88 -8.78 11.05 39.61
C GLU F 88 -8.95 9.59 40.03
N ASP F 89 -10.04 8.95 39.65
CA ASP F 89 -10.27 7.56 40.03
C ASP F 89 -9.69 6.55 39.05
N VAL F 90 -9.18 7.00 37.91
CA VAL F 90 -8.77 6.06 36.86
C VAL F 90 -7.64 5.17 37.36
N GLU F 91 -6.58 5.77 37.90
CA GLU F 91 -5.40 5.01 38.27
C GLU F 91 -5.73 3.91 39.26
N LYS F 92 -6.57 4.22 40.27
CA LYS F 92 -7.01 3.18 41.19
C LYS F 92 -7.71 2.06 40.45
N ILE F 93 -8.59 2.40 39.51
CA ILE F 93 -9.35 1.39 38.79
C ILE F 93 -8.44 0.51 37.94
N ILE F 94 -7.44 1.12 37.29
CA ILE F 94 -6.49 0.33 36.52
C ILE F 94 -5.83 -0.71 37.42
N ASP F 95 -5.41 -0.29 38.62
CA ASP F 95 -4.79 -1.22 39.55
C ASP F 95 -5.73 -2.38 39.86
N ILE F 96 -6.98 -2.08 40.14
CA ILE F 96 -7.95 -3.11 40.54
C ILE F 96 -8.13 -4.14 39.43
N ILE F 97 -8.33 -3.66 38.20
CA ILE F 97 -8.58 -4.56 37.08
C ILE F 97 -7.41 -5.50 36.86
N CYS F 98 -6.20 -4.95 36.83
CA CYS F 98 -5.01 -5.74 36.51
C CYS F 98 -4.80 -6.87 37.51
N GLU F 99 -4.92 -6.54 38.79
CA GLU F 99 -4.68 -7.56 39.85
C GLU F 99 -5.61 -8.75 39.64
N ASN F 100 -6.89 -8.50 39.37
CA ASN F 100 -7.90 -9.57 39.28
C ASN F 100 -8.08 -10.15 37.88
N ALA F 101 -7.56 -9.52 36.84
CA ALA F 101 -7.77 -10.05 35.48
C ALA F 101 -6.58 -10.88 35.00
N LYS F 102 -5.40 -10.57 35.53
CA LYS F 102 -4.16 -11.20 35.12
C LYS F 102 -4.07 -12.64 35.60
N THR F 103 -3.53 -13.50 34.75
CA THR F 103 -3.30 -14.91 35.06
C THR F 103 -1.87 -15.34 34.80
N GLY F 104 -1.03 -14.49 34.21
CA GLY F 104 0.32 -14.84 33.84
C GLY F 104 0.47 -15.38 32.43
N ASN F 105 -0.62 -15.57 31.71
CA ASN F 105 -0.60 -16.10 30.35
C ASN F 105 -1.01 -15.01 29.37
N GLN F 106 -0.49 -15.11 28.15
CA GLN F 106 -0.85 -14.15 27.12
C GLN F 106 -2.36 -14.18 26.89
N GLY F 107 -2.93 -13.00 26.64
CA GLY F 107 -4.36 -12.86 26.47
C GLY F 107 -5.11 -12.40 27.69
N ASP F 108 -4.40 -11.87 28.71
CA ASP F 108 -5.08 -11.43 29.92
C ASP F 108 -5.98 -10.24 29.65
N GLY F 109 -5.67 -9.47 28.62
CA GLY F 109 -6.49 -8.37 28.18
C GLY F 109 -5.75 -7.05 28.22
N LYS F 110 -6.49 -5.99 27.94
CA LYS F 110 -5.93 -4.64 27.91
C LYS F 110 -6.93 -3.67 28.55
N VAL F 111 -6.41 -2.54 28.99
CA VAL F 111 -7.21 -1.45 29.52
C VAL F 111 -6.97 -0.22 28.66
N PHE F 112 -8.05 0.41 28.21
CA PHE F 112 -7.97 1.61 27.39
C PHE F 112 -8.59 2.77 28.13
N ILE F 113 -7.98 3.95 27.99
CA ILE F 113 -8.48 5.19 28.58
C ILE F 113 -8.95 6.08 27.45
N ILE F 114 -10.24 6.40 27.43
CA ILE F 114 -10.84 7.19 26.37
C ILE F 114 -11.43 8.45 27.00
N PRO F 115 -11.25 9.62 26.40
CA PRO F 115 -11.78 10.85 27.01
C PRO F 115 -13.30 10.89 26.93
N VAL F 116 -13.92 11.43 27.98
CA VAL F 116 -15.35 11.66 28.04
C VAL F 116 -15.55 13.14 28.28
N GLU F 117 -16.20 13.81 27.33
CA GLU F 117 -16.36 15.26 27.39
C GLU F 117 -17.59 15.71 28.15
N GLU F 118 -18.57 14.83 28.32
CA GLU F 118 -19.77 15.17 29.08
C GLU F 118 -20.47 13.89 29.50
N VAL F 119 -21.10 13.95 30.67
CA VAL F 119 -21.93 12.87 31.19
C VAL F 119 -23.25 13.49 31.62
N VAL F 120 -24.35 12.87 31.22
CA VAL F 120 -25.68 13.38 31.54
C VAL F 120 -26.50 12.24 32.11
N ARG F 121 -27.16 12.51 33.25
CA ARG F 121 -28.04 11.51 33.92
C ARG F 121 -29.41 11.61 33.26
N VAL F 122 -29.94 10.47 32.78
CA VAL F 122 -31.23 10.48 32.09
C VAL F 122 -32.34 10.93 33.04
N ARG F 123 -32.36 10.36 34.25
CA ARG F 123 -33.46 10.58 35.22
C ARG F 123 -33.61 12.04 35.67
N THR F 124 -32.50 12.75 35.93
CA THR F 124 -32.56 14.10 36.46
C THR F 124 -31.91 15.15 35.58
N LYS F 125 -31.23 14.72 34.51
CA LYS F 125 -30.59 15.60 33.47
C LYS F 125 -29.45 16.47 34.03
N GLU F 126 -28.94 16.11 35.22
CA GLU F 126 -27.78 16.72 35.89
C GLU F 126 -26.57 16.33 35.03
N ARG F 127 -25.67 17.26 34.77
CA ARG F 127 -24.53 16.92 33.87
C ARG F 127 -23.20 17.18 34.56
N GLY F 128 -22.15 16.52 34.06
CA GLY F 128 -20.81 16.76 34.55
C GLY F 128 -20.34 15.68 35.51
N ARG F 129 -19.45 16.09 36.41
CA ARG F 129 -18.88 15.16 37.37
C ARG F 129 -19.83 14.85 38.52
N GLY F 130 -20.87 15.66 38.67
CA GLY F 130 -21.90 15.32 39.67
C GLY F 130 -22.73 14.15 39.16
N ALA F 131 -22.92 14.07 37.85
CA ALA F 131 -23.71 13.00 37.16
C ALA F 131 -23.05 11.62 37.30
N ILE F 132 -21.72 11.58 37.34
CA ILE F 132 -20.97 10.29 37.47
C ILE F 132 -21.34 9.64 38.81
N SER G 19 16.43 47.53 -18.80
CA SER G 19 17.62 47.01 -19.55
C SER G 19 17.21 46.64 -20.97
N HIS G 20 15.97 46.16 -21.15
CA HIS G 20 15.46 45.76 -22.49
C HIS G 20 16.32 44.67 -23.13
N MET G 21 16.95 43.86 -22.27
CA MET G 21 17.78 42.70 -22.67
C MET G 21 17.20 41.46 -21.98
N LYS G 22 16.92 40.41 -22.74
CA LYS G 22 16.32 39.18 -22.23
C LYS G 22 17.08 37.98 -22.79
N LYS G 23 17.06 36.89 -22.03
CA LYS G 23 17.62 35.62 -22.48
C LYS G 23 16.49 34.69 -22.87
N VAL G 24 16.54 34.18 -24.09
CA VAL G 24 15.57 33.20 -24.59
C VAL G 24 16.19 31.82 -24.41
N GLU G 25 15.59 31.01 -23.54
CA GLU G 25 16.08 29.67 -23.24
C GLU G 25 14.99 28.67 -23.65
N ALA G 26 15.30 27.84 -24.64
CA ALA G 26 14.34 26.89 -25.17
C ALA G 26 14.90 25.48 -25.06
N ILE G 27 14.06 24.57 -24.58
CA ILE G 27 14.35 23.14 -24.53
C ILE G 27 13.51 22.50 -25.63
N ILE G 28 14.17 21.81 -26.56
CA ILE G 28 13.50 21.24 -27.72
C ILE G 28 14.00 19.83 -27.96
N ARG G 29 13.35 19.14 -28.90
CA ARG G 29 13.77 17.80 -29.26
C ARG G 29 15.07 17.87 -30.05
N PRO G 30 16.00 16.93 -29.83
CA PRO G 30 17.24 16.95 -30.60
C PRO G 30 17.02 16.88 -32.10
N GLU G 31 15.98 16.17 -32.54
CA GLU G 31 15.68 16.04 -33.95
C GLU G 31 15.10 17.31 -34.55
N ARG G 32 14.87 18.34 -33.75
CA ARG G 32 14.34 19.61 -34.24
C ARG G 32 15.39 20.73 -34.17
N LEU G 33 16.64 20.40 -33.84
CA LEU G 33 17.65 21.44 -33.68
C LEU G 33 17.96 22.13 -35.00
N ASP G 34 18.27 21.35 -36.04
CA ASP G 34 18.63 21.93 -37.32
C ASP G 34 17.51 22.82 -37.87
N ILE G 35 16.27 22.33 -37.80
CA ILE G 35 15.16 23.08 -38.38
C ILE G 35 14.98 24.42 -37.65
N VAL G 36 15.12 24.41 -36.33
CA VAL G 36 15.01 25.65 -35.57
C VAL G 36 16.23 26.53 -35.83
N LYS G 37 17.42 25.94 -35.82
CA LYS G 37 18.63 26.70 -36.11
C LYS G 37 18.50 27.42 -37.45
N ASN G 38 18.20 26.66 -38.51
CA ASN G 38 18.15 27.26 -39.83
C ASN G 38 17.06 28.33 -39.91
N SER G 39 15.94 28.11 -39.23
CA SER G 39 14.87 29.11 -39.23
C SER G 39 15.31 30.40 -38.55
N LEU G 40 16.02 30.27 -37.43
CA LEU G 40 16.47 31.47 -36.71
C LEU G 40 17.54 32.21 -37.50
N THR G 41 18.53 31.50 -38.05
CA THR G 41 19.55 32.16 -38.85
C THR G 41 18.92 32.88 -40.04
N ASP G 42 17.93 32.26 -40.67
CA ASP G 42 17.23 32.91 -41.79
C ASP G 42 16.56 34.21 -41.34
N ALA G 43 16.12 34.26 -40.09
CA ALA G 43 15.47 35.46 -39.56
C ALA G 43 16.45 36.47 -38.99
N GLY G 44 17.76 36.21 -39.07
CA GLY G 44 18.77 37.14 -38.60
C GLY G 44 19.18 36.95 -37.17
N TYR G 45 18.86 35.82 -36.54
CA TYR G 45 19.19 35.54 -35.16
C TYR G 45 20.32 34.51 -35.15
N VAL G 46 21.55 35.00 -35.04
CA VAL G 46 22.73 34.16 -35.16
C VAL G 46 23.35 33.92 -33.79
N GLY G 47 23.24 34.89 -32.90
CA GLY G 47 23.79 34.75 -31.57
C GLY G 47 23.04 33.76 -30.72
N MET G 48 23.61 32.57 -30.54
CA MET G 48 22.91 31.50 -29.83
C MET G 48 23.92 30.50 -29.28
N THR G 49 23.60 29.97 -28.10
CA THR G 49 24.40 28.94 -27.47
C THR G 49 23.57 27.66 -27.39
N VAL G 50 24.19 26.53 -27.73
CA VAL G 50 23.51 25.24 -27.79
C VAL G 50 24.24 24.25 -26.89
N SER G 51 23.48 23.51 -26.10
CA SER G 51 24.02 22.54 -25.17
C SER G 51 23.14 21.29 -25.17
N GLU G 52 23.78 20.14 -24.93
CA GLU G 52 23.08 18.87 -24.84
C GLU G 52 22.71 18.56 -23.40
N VAL G 53 21.42 18.29 -23.17
CA VAL G 53 20.90 18.01 -21.84
C VAL G 53 19.92 16.85 -21.92
N LYS G 54 19.35 16.50 -20.77
CA LYS G 54 18.32 15.48 -20.65
C LYS G 54 17.16 16.09 -19.86
N GLY G 55 15.94 15.66 -20.18
CA GLY G 55 14.78 16.27 -19.54
C GLY G 55 13.58 15.35 -19.42
N ARG G 56 12.65 15.79 -18.58
CA ARG G 56 11.41 15.07 -18.26
C ARG G 56 11.57 13.56 -18.38
N ASP G 74 14.25 7.21 -18.42
CA ASP G 74 13.25 8.12 -17.87
C ASP G 74 13.63 9.58 -18.10
N LEU G 75 14.89 9.79 -18.49
CA LEU G 75 15.46 11.11 -18.73
C LEU G 75 15.93 11.11 -20.18
N LEU G 76 15.15 11.72 -21.06
CA LEU G 76 15.47 11.64 -22.47
C LEU G 76 16.36 12.79 -22.92
N PRO G 77 17.25 12.53 -23.87
CA PRO G 77 18.14 13.61 -24.35
C PRO G 77 17.34 14.74 -24.97
N LYS G 78 17.72 15.96 -24.62
CA LYS G 78 17.10 17.17 -25.17
C LYS G 78 18.20 18.14 -25.60
N ILE G 79 17.77 19.22 -26.24
CA ILE G 79 18.67 20.29 -26.68
C ILE G 79 18.20 21.58 -26.04
N LYS G 80 19.12 22.28 -25.40
CA LYS G 80 18.85 23.60 -24.83
C LYS G 80 19.49 24.64 -25.72
N ILE G 81 18.71 25.64 -26.12
CA ILE G 81 19.20 26.76 -26.91
C ILE G 81 19.02 28.02 -26.08
N GLU G 82 20.05 28.86 -26.05
CA GLU G 82 20.04 30.11 -25.31
C GLU G 82 20.42 31.24 -26.24
N LEU G 83 19.60 32.29 -26.25
CA LEU G 83 19.87 33.50 -27.02
C LEU G 83 19.66 34.69 -26.10
N VAL G 84 20.67 35.54 -25.96
CA VAL G 84 20.56 36.82 -25.28
C VAL G 84 20.35 37.87 -26.35
N VAL G 85 19.18 38.52 -26.32
CA VAL G 85 18.72 39.35 -27.42
C VAL G 85 18.07 40.61 -26.88
N LYS G 86 17.77 41.53 -27.80
CA LYS G 86 17.02 42.72 -27.43
C LYS G 86 15.57 42.33 -27.10
N GLU G 87 15.00 43.03 -26.13
CA GLU G 87 13.67 42.68 -25.64
C GLU G 87 12.66 42.64 -26.77
N GLU G 88 12.76 43.58 -27.72
CA GLU G 88 11.78 43.68 -28.78
C GLU G 88 11.77 42.46 -29.71
N ASP G 89 12.85 41.69 -29.74
CA ASP G 89 12.92 40.52 -30.62
C ASP G 89 12.38 39.25 -29.99
N VAL G 90 12.05 39.28 -28.70
CA VAL G 90 11.71 38.04 -27.99
C VAL G 90 10.48 37.38 -28.63
N GLU G 91 9.41 38.17 -28.81
CA GLU G 91 8.16 37.58 -29.30
C GLU G 91 8.36 36.92 -30.66
N LYS G 92 9.10 37.58 -31.56
CA LYS G 92 9.41 36.97 -32.85
C LYS G 92 10.15 35.65 -32.66
N ILE G 93 11.15 35.63 -31.79
CA ILE G 93 11.95 34.42 -31.59
C ILE G 93 11.11 33.31 -31.00
N ILE G 94 10.21 33.65 -30.07
CA ILE G 94 9.31 32.65 -29.50
C ILE G 94 8.51 31.96 -30.61
N ASP G 95 7.98 32.75 -31.54
CA ASP G 95 7.19 32.17 -32.62
C ASP G 95 8.01 31.18 -33.43
N ILE G 96 9.23 31.56 -33.80
CA ILE G 96 10.04 30.70 -34.66
C ILE G 96 10.32 29.36 -33.98
N ILE G 97 10.72 29.41 -32.71
CA ILE G 97 11.06 28.17 -32.00
C ILE G 97 9.85 27.25 -31.94
N CYS G 98 8.71 27.78 -31.51
CA CYS G 98 7.53 26.94 -31.32
C CYS G 98 7.08 26.32 -32.64
N GLU G 99 6.98 27.11 -33.70
CA GLU G 99 6.47 26.60 -34.96
C GLU G 99 7.46 25.67 -35.65
N ASN G 100 8.76 25.80 -35.36
CA ASN G 100 9.76 24.99 -36.02
C ASN G 100 10.20 23.81 -35.16
N ALA G 101 9.96 23.87 -33.85
CA ALA G 101 10.27 22.77 -32.94
C ALA G 101 9.08 21.87 -32.64
N LYS G 102 7.87 22.40 -32.76
CA LYS G 102 6.64 21.63 -32.43
C LYS G 102 6.38 20.51 -33.46
N THR G 103 6.01 19.33 -32.97
CA THR G 103 5.67 18.19 -33.80
C THR G 103 4.27 17.67 -33.55
N GLY G 104 3.56 18.22 -32.56
CA GLY G 104 2.26 17.74 -32.18
C GLY G 104 2.24 16.68 -31.09
N ASN G 105 3.41 16.28 -30.59
CA ASN G 105 3.50 15.25 -29.57
C ASN G 105 3.98 15.84 -28.25
N GLN G 106 3.52 15.23 -27.16
CA GLN G 106 3.97 15.66 -25.84
C GLN G 106 5.47 15.51 -25.72
N GLY G 107 6.11 16.49 -25.07
CA GLY G 107 7.54 16.52 -24.95
C GLY G 107 8.25 17.39 -25.97
N ASP G 108 7.51 18.24 -26.69
CA ASP G 108 8.13 19.07 -27.72
C ASP G 108 9.07 20.09 -27.11
N GLY G 109 8.82 20.49 -25.88
CA GLY G 109 9.69 21.38 -25.13
C GLY G 109 8.98 22.65 -24.72
N LYS G 110 9.76 23.56 -24.13
CA LYS G 110 9.25 24.82 -23.65
C LYS G 110 10.27 25.92 -23.92
N VAL G 111 9.80 27.16 -23.91
CA VAL G 111 10.65 28.33 -24.06
C VAL G 111 10.52 29.19 -22.80
N PHE G 112 11.65 29.58 -22.24
CA PHE G 112 11.70 30.40 -21.04
C PHE G 112 12.36 31.73 -21.36
N ILE G 113 11.83 32.80 -20.79
CA ILE G 113 12.37 34.15 -20.94
C ILE G 113 12.95 34.59 -19.61
N ILE G 114 14.25 34.88 -19.60
CA ILE G 114 14.95 35.24 -18.36
C ILE G 114 15.52 36.64 -18.52
N PRO G 115 15.40 37.50 -17.51
CA PRO G 115 15.95 38.86 -17.64
C PRO G 115 17.46 38.86 -17.65
N VAL G 116 18.04 39.75 -18.46
CA VAL G 116 19.47 39.98 -18.52
C VAL G 116 19.71 41.45 -18.24
N GLU G 117 20.45 41.75 -17.16
CA GLU G 117 20.65 43.12 -16.72
C GLU G 117 21.84 43.80 -17.37
N GLU G 118 22.78 43.04 -17.91
CA GLU G 118 23.95 43.62 -18.56
C GLU G 118 24.56 42.58 -19.48
N VAL G 119 25.11 43.05 -20.60
CA VAL G 119 25.81 42.21 -21.56
C VAL G 119 27.12 42.89 -21.90
N VAL G 120 28.21 42.12 -21.91
CA VAL G 120 29.54 42.64 -22.20
C VAL G 120 30.18 41.77 -23.27
N ARG G 121 30.74 42.40 -24.30
CA ARG G 121 31.46 41.70 -25.35
C ARG G 121 32.91 41.53 -24.91
N VAL G 122 33.39 40.29 -24.88
CA VAL G 122 34.72 40.02 -24.37
C VAL G 122 35.78 40.76 -25.19
N ARG G 123 35.61 40.76 -26.51
CA ARG G 123 36.66 41.28 -27.39
C ARG G 123 36.93 42.76 -27.13
N THR G 124 35.88 43.55 -26.94
CA THR G 124 36.03 44.99 -26.82
C THR G 124 35.62 45.54 -25.46
N LYS G 125 35.04 44.73 -24.57
CA LYS G 125 34.55 45.19 -23.28
C LYS G 125 33.38 46.16 -23.43
N GLU G 126 32.78 46.19 -24.61
CA GLU G 126 31.60 47.01 -24.82
C GLU G 126 30.41 46.43 -24.06
N ARG G 127 29.59 47.32 -23.50
CA ARG G 127 28.48 46.95 -22.65
C ARG G 127 27.18 47.43 -23.26
N GLY G 128 26.08 46.90 -22.75
CA GLY G 128 24.76 47.34 -23.15
C GLY G 128 24.17 46.53 -24.29
N ARG G 129 23.23 47.15 -24.99
CA ARG G 129 22.53 46.49 -26.08
C ARG G 129 23.32 46.50 -27.38
N GLY G 130 24.23 47.46 -27.55
CA GLY G 130 25.17 47.38 -28.65
C GLY G 130 25.99 46.11 -28.68
N ALA G 131 26.18 45.46 -27.52
CA ALA G 131 27.03 44.29 -27.44
C ALA G 131 26.28 42.98 -27.67
N ILE G 132 25.04 43.07 -28.13
CA ILE G 132 24.25 41.83 -28.42
C ILE G 132 24.55 41.40 -29.85
N SER H 19 5.26 38.12 -11.72
CA SER H 19 5.25 36.96 -12.67
C SER H 19 4.90 35.68 -11.93
N HIS H 20 5.39 35.56 -10.69
CA HIS H 20 5.12 34.39 -9.85
C HIS H 20 5.59 33.09 -10.51
N MET H 21 6.64 33.18 -11.30
CA MET H 21 7.28 32.02 -11.91
C MET H 21 8.78 32.13 -11.66
N LYS H 22 9.39 31.04 -11.23
CA LYS H 22 10.80 31.04 -10.84
C LYS H 22 11.52 29.84 -11.43
N LYS H 23 12.82 30.00 -11.64
CA LYS H 23 13.69 28.92 -12.10
C LYS H 23 14.54 28.46 -10.92
N VAL H 24 14.49 27.17 -10.63
CA VAL H 24 15.30 26.57 -9.58
C VAL H 24 16.50 25.90 -10.25
N GLU H 25 17.69 26.43 -9.95
CA GLU H 25 18.94 25.90 -10.54
C GLU H 25 19.79 25.33 -9.41
N ALA H 26 20.07 24.03 -9.46
CA ALA H 26 20.85 23.42 -8.36
C ALA H 26 22.07 22.69 -8.91
N ILE H 27 23.21 22.88 -8.26
CA ILE H 27 24.43 22.12 -8.66
C ILE H 27 24.61 21.07 -7.55
N ILE H 28 24.53 19.79 -7.92
CA ILE H 28 24.63 18.73 -6.87
C ILE H 28 25.66 17.70 -7.28
N ARG H 29 26.06 16.85 -6.34
CA ARG H 29 26.98 15.78 -6.66
C ARG H 29 26.32 14.80 -7.64
N PRO H 30 27.08 14.28 -8.61
CA PRO H 30 26.46 13.36 -9.57
C PRO H 30 25.83 12.12 -8.93
N GLU H 31 26.41 11.62 -7.84
CA GLU H 31 25.88 10.42 -7.19
C GLU H 31 24.58 10.66 -6.43
N ARG H 32 24.11 11.91 -6.40
CA ARG H 32 22.85 12.24 -5.67
C ARG H 32 21.74 12.59 -6.65
N LEU H 33 21.93 12.38 -7.95
CA LEU H 33 20.90 12.78 -8.94
C LEU H 33 19.62 11.94 -8.79
N ASP H 34 19.72 10.62 -8.76
CA ASP H 34 18.51 9.77 -8.65
C ASP H 34 17.74 10.04 -7.36
N ILE H 35 18.44 10.16 -6.22
CA ILE H 35 17.75 10.41 -4.93
C ILE H 35 16.96 11.72 -5.01
N VAL H 36 17.59 12.80 -5.51
CA VAL H 36 16.91 14.12 -5.69
C VAL H 36 15.84 14.00 -6.77
N LYS H 37 16.17 13.37 -7.91
CA LYS H 37 15.20 13.21 -9.02
C LYS H 37 13.96 12.46 -8.52
N ASN H 38 14.16 11.29 -7.91
CA ASN H 38 13.05 10.46 -7.38
C ASN H 38 12.32 11.20 -6.25
N SER H 39 13.02 11.99 -5.44
CA SER H 39 12.32 12.70 -4.33
C SER H 39 11.41 13.79 -4.89
N LEU H 40 11.88 14.52 -5.90
CA LEU H 40 11.07 15.63 -6.48
C LEU H 40 9.84 15.04 -7.19
N THR H 41 10.03 13.96 -7.92
CA THR H 41 8.96 13.29 -8.64
C THR H 41 7.86 12.84 -7.68
N ASP H 42 8.25 12.35 -6.50
CA ASP H 42 7.28 11.88 -5.48
C ASP H 42 6.36 13.02 -5.05
N ALA H 43 6.87 14.26 -5.07
CA ALA H 43 6.12 15.43 -4.66
C ALA H 43 5.38 16.06 -5.83
N GLY H 44 5.47 15.48 -7.01
CA GLY H 44 4.83 16.02 -8.18
C GLY H 44 5.66 16.98 -8.98
N TYR H 45 6.96 17.04 -8.79
CA TYR H 45 7.78 17.99 -9.53
C TYR H 45 8.55 17.21 -10.61
N VAL H 46 8.01 17.23 -11.83
CA VAL H 46 8.60 16.42 -12.94
C VAL H 46 9.19 17.28 -14.07
N GLY H 47 8.76 18.54 -14.24
CA GLY H 47 9.34 19.33 -15.30
C GLY H 47 10.75 19.62 -14.86
N MET H 48 11.74 18.95 -15.44
CA MET H 48 13.10 19.09 -14.93
C MET H 48 14.08 18.90 -16.06
N THR H 49 15.12 19.73 -16.06
CA THR H 49 16.21 19.68 -17.02
C THR H 49 17.50 19.33 -16.28
N VAL H 50 18.26 18.40 -16.84
CA VAL H 50 19.49 17.90 -16.23
C VAL H 50 20.63 18.07 -17.21
N SER H 51 21.75 18.63 -16.73
CA SER H 51 22.95 18.87 -17.57
C SER H 51 24.22 18.51 -16.81
N GLU H 52 25.17 17.86 -17.49
CA GLU H 52 26.44 17.47 -16.89
C GLU H 52 27.42 18.64 -16.99
N VAL H 53 27.97 19.03 -15.85
CA VAL H 53 28.89 20.15 -15.75
C VAL H 53 30.05 19.76 -14.85
N LYS H 54 30.98 20.68 -14.64
CA LYS H 54 32.11 20.48 -13.75
C LYS H 54 32.19 21.64 -12.76
N GLY H 55 32.67 21.33 -11.56
CA GLY H 55 32.78 22.32 -10.50
C GLY H 55 33.88 21.98 -9.51
N LEU H 75 38.52 20.81 -11.02
CA LEU H 75 37.20 20.83 -11.64
C LEU H 75 36.59 19.42 -11.67
N LEU H 76 35.76 19.11 -10.68
CA LEU H 76 35.18 17.80 -10.53
C LEU H 76 33.80 17.73 -11.19
N PRO H 77 33.42 16.58 -11.74
CA PRO H 77 32.11 16.48 -12.40
C PRO H 77 30.97 16.75 -11.43
N LYS H 78 30.01 17.56 -11.90
CA LYS H 78 28.82 17.89 -11.13
C LYS H 78 27.59 17.74 -12.02
N ILE H 79 26.42 17.84 -11.39
CA ILE H 79 25.14 17.75 -12.08
C ILE H 79 24.34 19.01 -11.81
N LYS H 80 23.79 19.60 -12.86
CA LYS H 80 22.89 20.75 -12.77
C LYS H 80 21.46 20.28 -13.03
N ILE H 81 20.56 20.68 -12.11
CA ILE H 81 19.10 20.36 -12.21
C ILE H 81 18.34 21.68 -12.29
N GLU H 82 17.49 21.83 -13.32
CA GLU H 82 16.74 23.06 -13.52
C GLU H 82 15.25 22.75 -13.53
N LEU H 83 14.49 23.50 -12.72
CA LEU H 83 13.04 23.40 -12.69
C LEU H 83 12.47 24.81 -12.77
N VAL H 84 11.62 25.06 -13.77
CA VAL H 84 10.85 26.30 -13.86
C VAL H 84 9.47 26.01 -13.30
N VAL H 85 9.11 26.68 -12.20
CA VAL H 85 7.93 26.33 -11.43
C VAL H 85 7.23 27.61 -10.97
N LYS H 86 6.04 27.42 -10.40
CA LYS H 86 5.33 28.52 -9.77
C LYS H 86 6.04 28.93 -8.49
N GLU H 87 6.02 30.24 -8.21
CA GLU H 87 6.75 30.75 -7.06
C GLU H 87 6.37 30.04 -5.77
N GLU H 88 5.10 29.70 -5.62
CA GLU H 88 4.64 29.10 -4.36
C GLU H 88 5.28 27.74 -4.10
N ASP H 89 5.79 27.08 -5.13
CA ASP H 89 6.42 25.78 -4.95
C ASP H 89 7.92 25.87 -4.67
N VAL H 90 8.52 27.06 -4.79
CA VAL H 90 9.97 27.16 -4.75
C VAL H 90 10.51 26.67 -3.40
N GLU H 91 9.96 27.19 -2.30
CA GLU H 91 10.50 26.85 -0.99
C GLU H 91 10.46 25.35 -0.74
N LYS H 92 9.36 24.70 -1.10
CA LYS H 92 9.28 23.25 -0.97
C LYS H 92 10.38 22.57 -1.78
N ILE H 93 10.58 23.01 -3.02
CA ILE H 93 11.58 22.36 -3.86
C ILE H 93 12.97 22.54 -3.27
N ILE H 94 13.24 23.73 -2.72
CA ILE H 94 14.52 23.95 -2.04
C ILE H 94 14.68 22.92 -0.92
N ASP H 95 13.61 22.70 -0.15
CA ASP H 95 13.66 21.73 0.94
C ASP H 95 14.06 20.35 0.42
N ILE H 96 13.42 19.93 -0.67
CA ILE H 96 13.64 18.57 -1.19
C ILE H 96 15.10 18.40 -1.62
N ILE H 97 15.57 19.32 -2.48
CA ILE H 97 16.95 19.23 -3.05
C ILE H 97 17.99 19.17 -1.92
N CYS H 98 17.90 20.10 -0.96
CA CYS H 98 18.87 20.19 0.16
C CYS H 98 18.83 18.94 1.03
N GLU H 99 17.63 18.41 1.30
CA GLU H 99 17.48 17.23 2.19
C GLU H 99 18.06 15.97 1.54
N ASN H 100 17.92 15.84 0.21
CA ASN H 100 18.36 14.63 -0.54
C ASN H 100 19.75 14.80 -1.17
N ALA H 101 20.23 16.03 -1.31
CA ALA H 101 21.56 16.28 -1.86
C ALA H 101 22.63 16.50 -0.80
N LYS H 102 22.25 16.80 0.44
CA LYS H 102 23.29 16.98 1.48
C LYS H 102 23.95 15.62 1.79
N THR H 103 25.28 15.60 1.95
CA THR H 103 26.01 14.36 2.32
C THR H 103 26.82 14.58 3.60
N GLY H 104 27.01 15.83 4.03
CA GLY H 104 27.78 16.12 5.24
C GLY H 104 29.22 16.53 4.95
N ASN H 105 29.62 16.44 3.68
CA ASN H 105 30.93 16.82 3.18
C ASN H 105 30.80 18.10 2.36
N GLN H 106 31.87 18.91 2.37
CA GLN H 106 31.95 20.19 1.61
C GLN H 106 31.90 19.87 0.12
N GLY H 107 31.15 20.66 -0.66
CA GLY H 107 31.01 20.37 -2.07
C GLY H 107 29.64 19.80 -2.43
N ASP H 108 28.69 19.87 -1.51
CA ASP H 108 27.35 19.33 -1.72
C ASP H 108 26.58 20.14 -2.76
N GLY H 109 26.89 21.41 -2.89
CA GLY H 109 26.30 22.23 -3.93
C GLY H 109 25.51 23.38 -3.37
N LYS H 110 24.82 24.08 -4.28
CA LYS H 110 24.03 25.24 -3.95
C LYS H 110 22.73 25.20 -4.76
N VAL H 111 21.75 25.96 -4.30
CA VAL H 111 20.48 26.13 -4.98
C VAL H 111 20.33 27.60 -5.32
N PHE H 112 20.01 27.89 -6.58
CA PHE H 112 19.84 29.26 -7.05
C PHE H 112 18.41 29.50 -7.49
N ILE H 113 17.89 30.69 -7.17
CA ILE H 113 16.56 31.11 -7.58
C ILE H 113 16.72 32.27 -8.57
N ILE H 114 16.23 32.07 -9.78
CA ILE H 114 16.36 33.07 -10.85
C ILE H 114 14.96 33.45 -11.34
N PRO H 115 14.67 34.73 -11.56
CA PRO H 115 13.33 35.09 -12.05
C PRO H 115 13.13 34.64 -13.48
N VAL H 116 11.91 34.19 -13.78
CA VAL H 116 11.49 33.80 -15.11
C VAL H 116 10.27 34.64 -15.46
N GLU H 117 10.37 35.43 -16.53
CA GLU H 117 9.31 36.37 -16.87
C GLU H 117 8.22 35.77 -17.74
N GLU H 118 8.48 34.65 -18.41
CA GLU H 118 7.46 34.02 -19.24
C GLU H 118 7.84 32.57 -19.51
N VAL H 119 6.81 31.73 -19.63
CA VAL H 119 6.98 30.33 -20.01
C VAL H 119 6.00 30.06 -21.14
N VAL H 120 6.49 29.43 -22.20
CA VAL H 120 5.69 29.12 -23.39
C VAL H 120 5.88 27.65 -23.73
N ARG H 121 4.77 26.96 -24.00
CA ARG H 121 4.84 25.56 -24.41
C ARG H 121 5.00 25.47 -25.92
N VAL H 122 6.04 24.78 -26.37
CA VAL H 122 6.35 24.71 -27.80
C VAL H 122 5.21 24.01 -28.55
N ARG H 123 4.70 22.92 -28.00
CA ARG H 123 3.77 22.07 -28.74
C ARG H 123 2.49 22.81 -29.09
N THR H 124 1.96 23.60 -28.16
CA THR H 124 0.71 24.31 -28.37
C THR H 124 0.85 25.82 -28.35
N LYS H 125 2.03 26.35 -28.04
CA LYS H 125 2.27 27.78 -27.90
C LYS H 125 1.52 28.37 -26.71
N GLU H 126 1.10 27.52 -25.79
CA GLU H 126 0.45 27.99 -24.56
C GLU H 126 1.47 28.71 -23.70
N ARG H 127 1.03 29.82 -23.09
CA ARG H 127 1.89 30.70 -22.33
C ARG H 127 1.41 30.83 -20.90
N GLY H 128 2.29 31.34 -20.05
CA GLY H 128 1.94 31.64 -18.67
C GLY H 128 2.21 30.50 -17.72
N ARG H 129 1.48 30.53 -16.60
CA ARG H 129 1.65 29.51 -15.57
C ARG H 129 0.91 28.23 -15.93
N GLY H 130 -0.16 28.35 -16.73
CA GLY H 130 -0.75 27.18 -17.33
C GLY H 130 0.23 26.32 -18.09
N ALA H 131 1.30 26.91 -18.62
CA ALA H 131 2.24 26.17 -19.43
C ALA H 131 3.37 25.54 -18.61
N ILE H 132 3.38 25.72 -17.29
CA ILE H 132 4.34 25.03 -16.43
C ILE H 132 3.91 23.56 -16.32
N SER I 19 18.05 41.98 -3.42
CA SER I 19 18.73 40.67 -3.16
C SER I 19 20.24 40.85 -3.17
N HIS I 20 20.73 41.74 -4.03
CA HIS I 20 22.15 42.03 -4.14
C HIS I 20 22.94 40.78 -4.53
N MET I 21 22.32 39.89 -5.30
CA MET I 21 22.99 38.69 -5.80
C MET I 21 22.74 38.58 -7.30
N LYS I 22 23.80 38.28 -8.04
CA LYS I 22 23.76 38.22 -9.50
C LYS I 22 24.47 36.96 -9.97
N LYS I 23 24.05 36.47 -11.13
CA LYS I 23 24.69 35.34 -11.79
C LYS I 23 25.49 35.83 -12.98
N VAL I 24 26.78 35.48 -13.02
CA VAL I 24 27.67 35.82 -14.12
C VAL I 24 27.75 34.59 -15.02
N GLU I 25 27.24 34.72 -16.25
CA GLU I 25 27.23 33.64 -17.23
C GLU I 25 28.03 34.11 -18.44
N ALA I 26 29.17 33.46 -18.69
CA ALA I 26 30.08 33.85 -19.75
C ALA I 26 30.34 32.69 -20.70
N ILE I 27 30.29 32.99 -21.99
CA ILE I 27 30.67 32.07 -23.06
C ILE I 27 32.02 32.54 -23.59
N ILE I 28 33.02 31.67 -23.53
CA ILE I 28 34.39 32.02 -23.90
C ILE I 28 34.98 30.90 -24.74
N ARG I 29 36.18 31.17 -25.28
CA ARG I 29 36.91 30.17 -26.10
C ARG I 29 37.44 29.09 -25.17
N PRO I 30 37.49 27.81 -25.58
CA PRO I 30 38.01 26.73 -24.74
C PRO I 30 39.49 26.97 -24.37
N GLU I 31 40.27 27.49 -25.31
CA GLU I 31 41.71 27.78 -25.11
C GLU I 31 41.92 28.87 -24.04
N ARG I 32 40.85 29.55 -23.61
CA ARG I 32 41.02 30.59 -22.62
C ARG I 32 40.46 30.21 -21.25
N LEU I 33 40.01 28.97 -21.09
CA LEU I 33 39.38 28.56 -19.84
C LEU I 33 40.38 28.57 -18.69
N ASP I 34 41.51 27.89 -18.86
CA ASP I 34 42.47 27.77 -17.77
C ASP I 34 42.94 29.14 -17.29
N ILE I 35 43.29 30.02 -18.22
CA ILE I 35 43.79 31.34 -17.82
C ILE I 35 42.70 32.14 -17.13
N VAL I 36 41.46 32.05 -17.62
CA VAL I 36 40.37 32.77 -16.98
C VAL I 36 40.01 32.14 -15.64
N LYS I 37 39.91 30.81 -15.60
CA LYS I 37 39.59 30.12 -14.35
C LYS I 37 40.62 30.46 -13.27
N ASN I 38 41.91 30.25 -13.57
CA ASN I 38 42.94 30.46 -12.57
C ASN I 38 43.02 31.93 -12.16
N SER I 39 42.77 32.85 -13.09
CA SER I 39 42.79 34.26 -12.72
C SER I 39 41.70 34.57 -11.70
N LEU I 40 40.52 33.97 -11.87
CA LEU I 40 39.45 34.18 -10.90
C LEU I 40 39.80 33.54 -9.56
N THR I 41 40.32 32.31 -9.59
CA THR I 41 40.74 31.67 -8.35
C THR I 41 41.79 32.50 -7.63
N ASP I 42 42.74 33.08 -8.39
CA ASP I 42 43.73 33.94 -7.77
C ASP I 42 43.09 35.15 -7.11
N ALA I 43 41.97 35.63 -7.65
CA ALA I 43 41.26 36.77 -7.10
C ALA I 43 40.27 36.39 -6.02
N GLY I 44 40.18 35.11 -5.65
CA GLY I 44 39.29 34.68 -4.60
C GLY I 44 37.91 34.26 -5.05
N TYR I 45 37.69 34.07 -6.34
CA TYR I 45 36.39 33.66 -6.88
C TYR I 45 36.55 32.20 -7.29
N VAL I 46 36.17 31.30 -6.37
CA VAL I 46 36.41 29.88 -6.55
C VAL I 46 35.11 29.18 -6.93
N GLY I 47 33.99 29.69 -6.43
CA GLY I 47 32.70 29.12 -6.75
C GLY I 47 32.32 29.35 -8.19
N MET I 48 32.42 28.32 -9.03
CA MET I 48 32.19 28.49 -10.45
C MET I 48 31.80 27.15 -11.06
N THR I 49 30.89 27.20 -12.02
CA THR I 49 30.47 26.02 -12.78
C THR I 49 30.91 26.18 -14.22
N VAL I 50 31.45 25.11 -14.79
CA VAL I 50 31.98 25.10 -16.15
C VAL I 50 31.28 24.00 -16.93
N SER I 51 30.85 24.33 -18.15
CA SER I 51 30.15 23.37 -18.99
C SER I 51 30.60 23.53 -20.44
N GLU I 52 30.57 22.42 -21.17
CA GLU I 52 30.91 22.42 -22.58
C GLU I 52 29.65 22.63 -23.42
N VAL I 53 29.69 23.63 -24.29
CA VAL I 53 28.58 24.00 -25.14
C VAL I 53 29.09 24.27 -26.54
N LYS I 54 28.17 24.61 -27.44
CA LYS I 54 28.49 24.98 -28.81
C LYS I 54 27.83 26.31 -29.13
N GLY I 55 28.47 27.08 -30.01
CA GLY I 55 27.95 28.38 -30.37
C GLY I 55 28.36 28.84 -31.75
N ARG I 56 28.07 30.10 -32.06
CA ARG I 56 28.37 30.67 -33.37
C ARG I 56 29.77 30.32 -33.85
N ASP I 74 28.76 26.85 -38.89
CA ASP I 74 28.46 25.71 -38.04
C ASP I 74 28.49 26.08 -36.56
N LEU I 75 28.35 25.07 -35.70
CA LEU I 75 28.37 25.28 -34.24
C LEU I 75 29.75 24.85 -33.72
N LEU I 76 30.58 25.82 -33.33
CA LEU I 76 31.92 25.52 -32.85
C LEU I 76 31.91 25.30 -31.34
N PRO I 77 32.79 24.45 -30.83
CA PRO I 77 32.80 24.22 -29.38
C PRO I 77 33.13 25.49 -28.60
N LYS I 78 32.33 25.74 -27.56
CA LYS I 78 32.48 26.91 -26.69
C LYS I 78 32.40 26.46 -25.23
N ILE I 79 32.91 27.27 -24.31
CA ILE I 79 32.91 26.98 -22.87
C ILE I 79 32.04 27.99 -22.17
N LYS I 80 31.12 27.50 -21.34
CA LYS I 80 30.29 28.36 -20.50
C LYS I 80 30.77 28.29 -19.06
N ILE I 81 30.97 29.46 -18.45
CA ILE I 81 31.34 29.58 -17.05
C ILE I 81 30.22 30.33 -16.33
N GLU I 82 29.84 29.83 -15.16
CA GLU I 82 28.78 30.43 -14.36
C GLU I 82 29.30 30.72 -12.97
N LEU I 83 29.09 31.95 -12.50
CA LEU I 83 29.44 32.35 -11.15
C LEU I 83 28.26 33.09 -10.54
N VAL I 84 27.77 32.61 -9.41
CA VAL I 84 26.77 33.32 -8.62
C VAL I 84 27.50 34.04 -7.49
N VAL I 85 27.46 35.38 -7.49
CA VAL I 85 28.30 36.18 -6.62
C VAL I 85 27.49 37.34 -6.06
N LYS I 86 28.11 38.05 -5.12
CA LYS I 86 27.54 39.28 -4.59
C LYS I 86 27.58 40.38 -5.65
N GLU I 87 26.56 41.23 -5.62
CA GLU I 87 26.42 42.28 -6.63
C GLU I 87 27.68 43.12 -6.74
N GLU I 88 28.32 43.40 -5.61
CA GLU I 88 29.49 44.27 -5.62
C GLU I 88 30.69 43.65 -6.34
N ASP I 89 30.70 42.33 -6.52
CA ASP I 89 31.82 41.66 -7.17
C ASP I 89 31.69 41.57 -8.67
N VAL I 90 30.56 41.97 -9.25
CA VAL I 90 30.32 41.73 -10.67
C VAL I 90 31.37 42.45 -11.52
N GLU I 91 31.57 43.74 -11.27
CA GLU I 91 32.46 44.53 -12.12
C GLU I 91 33.88 43.97 -12.11
N LYS I 92 34.38 43.58 -10.93
CA LYS I 92 35.71 42.96 -10.86
C LYS I 92 35.75 41.69 -11.71
N ILE I 93 34.73 40.83 -11.57
CA ILE I 93 34.73 39.57 -12.30
C ILE I 93 34.62 39.81 -13.79
N ILE I 94 33.77 40.77 -14.19
CA ILE I 94 33.71 41.13 -15.60
C ILE I 94 35.09 41.53 -16.09
N ASP I 95 35.78 42.37 -15.32
CA ASP I 95 37.12 42.76 -15.75
C ASP I 95 37.99 41.54 -16.00
N ILE I 96 38.15 40.72 -14.97
CA ILE I 96 39.01 39.50 -15.02
C ILE I 96 38.63 38.63 -16.22
N ILE I 97 37.35 38.36 -16.42
CA ILE I 97 36.94 37.49 -17.56
C ILE I 97 37.28 38.17 -18.89
N CYS I 98 37.01 39.47 -19.02
CA CYS I 98 37.32 40.18 -20.29
C CYS I 98 38.83 40.24 -20.51
N GLU I 99 39.59 40.50 -19.44
CA GLU I 99 41.06 40.65 -19.50
C GLU I 99 41.73 39.35 -19.99
N ASN I 100 41.26 38.20 -19.52
CA ASN I 100 41.93 36.91 -19.83
C ASN I 100 41.27 36.13 -20.98
N ALA I 101 40.12 36.55 -21.50
CA ALA I 101 39.49 35.75 -22.57
C ALA I 101 39.59 36.48 -23.91
N LYS I 102 40.01 37.74 -23.90
CA LYS I 102 40.10 38.54 -25.16
C LYS I 102 41.36 38.15 -25.93
N THR I 103 41.21 37.86 -27.24
CA THR I 103 42.36 37.53 -28.07
C THR I 103 42.55 38.48 -29.24
N GLY I 104 41.61 39.39 -29.47
CA GLY I 104 41.65 40.27 -30.61
C GLY I 104 40.96 39.75 -31.85
N ASN I 105 40.43 38.53 -31.82
CA ASN I 105 39.75 37.94 -32.96
C ASN I 105 38.26 37.85 -32.66
N GLN I 106 37.46 37.95 -33.73
CA GLN I 106 35.97 37.86 -33.63
C GLN I 106 35.61 36.50 -33.03
N GLY I 107 34.63 36.49 -32.12
CA GLY I 107 34.23 35.27 -31.45
C GLY I 107 34.79 35.08 -30.05
N ASP I 108 35.31 36.14 -29.43
CA ASP I 108 35.91 35.99 -28.11
C ASP I 108 34.88 35.61 -27.06
N GLY I 109 33.62 35.96 -27.26
CA GLY I 109 32.54 35.54 -26.38
C GLY I 109 31.84 36.72 -25.76
N LYS I 110 30.92 36.41 -24.85
CA LYS I 110 30.14 37.43 -24.16
C LYS I 110 29.97 37.04 -22.70
N VAL I 111 29.68 38.05 -21.88
CA VAL I 111 29.39 37.88 -20.46
C VAL I 111 28.00 38.42 -20.19
N PHE I 112 27.17 37.64 -19.51
CA PHE I 112 25.81 38.03 -19.16
C PHE I 112 25.66 38.09 -17.65
N ILE I 113 24.93 39.09 -17.18
CA ILE I 113 24.61 39.25 -15.76
C ILE I 113 23.11 39.02 -15.58
N ILE I 114 22.77 38.03 -14.77
CA ILE I 114 21.38 37.64 -14.56
C ILE I 114 21.05 37.77 -13.08
N PRO I 115 19.90 38.31 -12.71
CA PRO I 115 19.58 38.45 -11.28
C PRO I 115 19.35 37.11 -10.61
N VAL I 116 19.82 37.00 -9.37
CA VAL I 116 19.59 35.82 -8.54
C VAL I 116 18.90 36.27 -7.26
N GLU I 117 17.70 35.75 -7.03
CA GLU I 117 16.89 36.19 -5.90
C GLU I 117 17.16 35.42 -4.62
N GLU I 118 17.78 34.24 -4.70
CA GLU I 118 18.09 33.49 -3.50
C GLU I 118 19.16 32.45 -3.82
N VAL I 119 20.02 32.21 -2.84
CA VAL I 119 21.05 31.18 -2.90
C VAL I 119 21.00 30.41 -1.58
N VAL I 120 21.02 29.08 -1.66
CA VAL I 120 20.95 28.22 -0.49
C VAL I 120 22.07 27.19 -0.58
N ARG I 121 22.80 26.99 0.51
CA ARG I 121 23.85 25.98 0.58
C ARG I 121 23.24 24.64 0.95
N VAL I 122 23.49 23.62 0.13
CA VAL I 122 22.84 22.33 0.33
C VAL I 122 23.24 21.73 1.67
N ARG I 123 24.53 21.78 2.00
CA ARG I 123 25.01 21.07 3.18
C ARG I 123 24.41 21.65 4.45
N THR I 124 24.31 22.97 4.54
CA THR I 124 23.88 23.64 5.75
C THR I 124 22.56 24.38 5.63
N LYS I 125 22.05 24.49 4.40
CA LYS I 125 20.78 25.20 4.08
C LYS I 125 20.89 26.70 4.40
N GLU I 126 22.11 27.23 4.59
CA GLU I 126 22.30 28.66 4.77
C GLU I 126 21.85 29.40 3.51
N ARG I 127 21.20 30.54 3.70
CA ARG I 127 20.65 31.29 2.58
C ARG I 127 21.19 32.71 2.57
N GLY I 128 21.09 33.33 1.41
CA GLY I 128 21.40 34.75 1.28
C GLY I 128 22.86 35.04 0.99
N ARG I 129 23.23 36.28 1.30
CA ARG I 129 24.58 36.77 1.12
C ARG I 129 25.34 37.00 2.41
N GLY I 130 24.63 37.23 3.52
CA GLY I 130 25.27 37.29 4.82
C GLY I 130 25.77 38.69 5.11
N ALA I 131 26.19 38.89 6.36
CA ALA I 131 26.59 40.22 6.78
C ALA I 131 28.07 40.50 6.58
N ILE I 132 28.83 39.60 5.97
CA ILE I 132 30.22 39.88 5.64
C ILE I 132 30.27 40.87 4.47
N GLY J 18 -25.55 -42.09 -19.25
CA GLY J 18 -24.64 -41.59 -18.19
C GLY J 18 -23.45 -40.84 -18.72
N SER J 19 -23.68 -39.59 -19.14
CA SER J 19 -22.58 -38.77 -19.63
C SER J 19 -21.60 -38.42 -18.52
N HIS J 20 -22.08 -38.29 -17.29
CA HIS J 20 -21.24 -37.91 -16.15
C HIS J 20 -20.64 -36.53 -16.35
N MET J 21 -21.38 -35.68 -17.06
CA MET J 21 -21.06 -34.28 -17.27
C MET J 21 -22.30 -33.48 -16.91
N LYS J 22 -22.12 -32.42 -16.12
CA LYS J 22 -23.24 -31.66 -15.60
C LYS J 22 -22.96 -30.17 -15.75
N LYS J 23 -24.04 -29.39 -15.84
CA LYS J 23 -23.96 -27.94 -15.85
C LYS J 23 -24.42 -27.43 -14.49
N VAL J 24 -23.57 -26.64 -13.84
CA VAL J 24 -23.91 -25.99 -12.58
C VAL J 24 -24.35 -24.57 -12.90
N GLU J 25 -25.62 -24.27 -12.63
CA GLU J 25 -26.18 -22.95 -12.91
C GLU J 25 -26.61 -22.36 -11.58
N ALA J 26 -25.95 -21.27 -11.18
CA ALA J 26 -26.21 -20.65 -9.89
C ALA J 26 -26.57 -19.19 -10.09
N ILE J 27 -27.62 -18.75 -9.40
CA ILE J 27 -28.01 -17.36 -9.33
C ILE J 27 -27.65 -16.89 -7.93
N ILE J 28 -26.82 -15.85 -7.84
CA ILE J 28 -26.29 -15.38 -6.56
C ILE J 28 -26.37 -13.86 -6.54
N ARG J 29 -26.06 -13.30 -5.37
CA ARG J 29 -26.04 -11.85 -5.24
C ARG J 29 -24.84 -11.28 -6.00
N PRO J 30 -25.02 -10.16 -6.71
CA PRO J 30 -23.87 -9.59 -7.43
C PRO J 30 -22.70 -9.25 -6.52
N GLU J 31 -22.95 -8.81 -5.29
CA GLU J 31 -21.88 -8.47 -4.38
C GLU J 31 -21.14 -9.68 -3.84
N ARG J 32 -21.57 -10.89 -4.19
CA ARG J 32 -20.90 -12.11 -3.76
C ARG J 32 -20.16 -12.79 -4.90
N LEU J 33 -20.09 -12.13 -6.07
CA LEU J 33 -19.46 -12.76 -7.23
C LEU J 33 -17.97 -12.98 -7.00
N ASP J 34 -17.27 -11.90 -6.63
CA ASP J 34 -15.79 -11.94 -6.41
C ASP J 34 -15.42 -12.99 -5.37
N ILE J 35 -16.18 -13.09 -4.28
CA ILE J 35 -15.87 -14.04 -3.20
C ILE J 35 -16.11 -15.47 -3.67
N VAL J 36 -17.20 -15.69 -4.41
CA VAL J 36 -17.45 -17.02 -4.94
C VAL J 36 -16.48 -17.33 -6.06
N LYS J 37 -16.26 -16.37 -6.96
CA LYS J 37 -15.30 -16.57 -8.04
C LYS J 37 -13.94 -16.96 -7.49
N ASN J 38 -13.41 -16.18 -6.54
CA ASN J 38 -12.09 -16.47 -6.01
C ASN J 38 -12.07 -17.81 -5.30
N SER J 39 -13.15 -18.16 -4.61
CA SER J 39 -13.20 -19.44 -3.91
C SER J 39 -13.15 -20.61 -4.88
N LEU J 40 -13.86 -20.51 -6.00
CA LEU J 40 -13.85 -21.60 -6.97
C LEU J 40 -12.49 -21.72 -7.65
N THR J 41 -11.90 -20.60 -8.05
CA THR J 41 -10.57 -20.64 -8.66
C THR J 41 -9.56 -21.24 -7.69
N ASP J 42 -9.64 -20.86 -6.41
CA ASP J 42 -8.73 -21.43 -5.42
C ASP J 42 -8.91 -22.94 -5.31
N ALA J 43 -10.11 -23.44 -5.56
CA ALA J 43 -10.39 -24.86 -5.53
C ALA J 43 -10.08 -25.55 -6.86
N GLY J 44 -9.57 -24.80 -7.83
CA GLY J 44 -9.22 -25.35 -9.12
C GLY J 44 -10.30 -25.30 -10.17
N TYR J 45 -11.37 -24.54 -9.93
CA TYR J 45 -12.48 -24.42 -10.91
C TYR J 45 -12.39 -23.05 -11.60
N VAL J 46 -11.75 -23.02 -12.76
CA VAL J 46 -11.53 -21.78 -13.49
C VAL J 46 -12.41 -21.66 -14.72
N GLY J 47 -12.73 -22.78 -15.38
CA GLY J 47 -13.60 -22.73 -16.55
C GLY J 47 -15.00 -22.38 -16.13
N MET J 48 -15.41 -21.15 -16.37
CA MET J 48 -16.68 -20.66 -15.85
C MET J 48 -17.18 -19.49 -16.67
N THR J 49 -18.50 -19.42 -16.81
CA THR J 49 -19.17 -18.33 -17.49
C THR J 49 -20.01 -17.54 -16.49
N VAL J 50 -19.94 -16.21 -16.59
CA VAL J 50 -20.60 -15.31 -15.67
C VAL J 50 -21.54 -14.42 -16.48
N SER J 51 -22.79 -14.29 -16.04
CA SER J 51 -23.70 -13.39 -16.80
C SER J 51 -24.56 -12.59 -15.82
N GLU J 52 -24.92 -11.39 -16.24
CA GLU J 52 -25.73 -10.42 -15.51
C GLU J 52 -27.19 -10.65 -15.86
N VAL J 53 -28.02 -10.87 -14.84
CA VAL J 53 -29.44 -11.13 -15.01
C VAL J 53 -30.21 -10.35 -13.93
N LYS J 54 -31.52 -10.49 -13.95
CA LYS J 54 -32.39 -9.90 -12.94
C LYS J 54 -33.32 -10.98 -12.40
N GLY J 55 -33.63 -10.88 -11.11
CA GLY J 55 -34.47 -11.87 -10.46
C GLY J 55 -35.20 -11.28 -9.28
N ARG J 56 -35.91 -12.16 -8.56
CA ARG J 56 -36.64 -11.76 -7.37
C ARG J 56 -37.12 -13.00 -6.61
N ASP J 74 -39.20 -4.43 -8.73
CA ASP J 74 -39.02 -5.55 -7.80
C ASP J 74 -38.24 -6.68 -8.46
N LEU J 75 -37.57 -6.38 -9.56
CA LEU J 75 -36.70 -7.30 -10.28
C LEU J 75 -35.27 -6.85 -10.02
N LEU J 76 -34.61 -7.53 -9.10
CA LEU J 76 -33.30 -7.06 -8.67
C LEU J 76 -32.18 -7.64 -9.52
N PRO J 77 -31.11 -6.87 -9.72
CA PRO J 77 -29.97 -7.38 -10.49
C PRO J 77 -29.34 -8.58 -9.79
N LYS J 78 -29.04 -9.61 -10.57
CA LYS J 78 -28.39 -10.81 -10.05
C LYS J 78 -27.25 -11.21 -10.96
N ILE J 79 -26.49 -12.21 -10.53
CA ILE J 79 -25.37 -12.77 -11.27
C ILE J 79 -25.63 -14.26 -11.48
N LYS J 80 -25.52 -14.71 -12.72
CA LYS J 80 -25.61 -16.12 -13.06
C LYS J 80 -24.22 -16.65 -13.34
N ILE J 81 -23.87 -17.76 -12.68
CA ILE J 81 -22.54 -18.42 -12.88
C ILE J 81 -22.80 -19.81 -13.46
N GLU J 82 -22.19 -20.12 -14.61
CA GLU J 82 -22.42 -21.44 -15.25
C GLU J 82 -21.12 -22.23 -15.31
N LEU J 83 -21.14 -23.49 -14.89
CA LEU J 83 -19.92 -24.34 -14.92
C LEU J 83 -20.25 -25.74 -15.43
N VAL J 84 -19.64 -26.14 -16.55
CA VAL J 84 -19.87 -27.50 -17.13
C VAL J 84 -18.70 -28.33 -16.62
N VAL J 85 -18.98 -29.30 -15.75
CA VAL J 85 -17.95 -30.01 -14.99
C VAL J 85 -18.24 -31.50 -14.99
N LYS J 86 -17.27 -32.26 -14.47
CA LYS J 86 -17.47 -33.68 -14.26
C LYS J 86 -18.45 -33.91 -13.12
N GLU J 87 -19.26 -34.96 -13.24
CA GLU J 87 -20.31 -35.20 -12.25
C GLU J 87 -19.73 -35.28 -10.85
N GLU J 88 -18.54 -35.86 -10.70
CA GLU J 88 -17.95 -36.04 -9.38
C GLU J 88 -17.60 -34.71 -8.72
N ASP J 89 -17.50 -33.64 -9.50
CA ASP J 89 -17.16 -32.34 -8.94
C ASP J 89 -18.38 -31.52 -8.53
N VAL J 90 -19.59 -31.99 -8.85
CA VAL J 90 -20.78 -31.16 -8.63
C VAL J 90 -20.95 -30.88 -7.14
N GLU J 91 -20.96 -31.94 -6.32
CA GLU J 91 -21.20 -31.78 -4.89
C GLU J 91 -20.15 -30.85 -4.28
N LYS J 92 -18.92 -30.96 -4.76
CA LYS J 92 -17.81 -30.11 -4.25
C LYS J 92 -18.09 -28.65 -4.57
N ILE J 93 -18.54 -28.36 -5.79
CA ILE J 93 -18.76 -26.96 -6.16
C ILE J 93 -19.95 -26.38 -5.43
N ILE J 94 -21.01 -27.17 -5.22
CA ILE J 94 -22.18 -26.68 -4.49
C ILE J 94 -21.75 -26.16 -3.12
N ASP J 95 -20.88 -26.88 -2.43
CA ASP J 95 -20.42 -26.44 -1.12
C ASP J 95 -19.81 -25.05 -1.20
N ILE J 96 -18.93 -24.83 -2.18
CA ILE J 96 -18.23 -23.55 -2.29
C ILE J 96 -19.21 -22.42 -2.55
N ILE J 97 -20.11 -22.59 -3.51
CA ILE J 97 -21.04 -21.53 -3.85
C ILE J 97 -21.89 -21.16 -2.64
N CYS J 98 -22.47 -22.17 -1.98
CA CYS J 98 -23.34 -21.92 -0.84
C CYS J 98 -22.58 -21.23 0.29
N GLU J 99 -21.36 -21.68 0.55
CA GLU J 99 -20.56 -21.15 1.64
C GLU J 99 -20.10 -19.72 1.41
N ASN J 100 -19.94 -19.31 0.14
CA ASN J 100 -19.41 -18.00 -0.21
C ASN J 100 -20.46 -17.03 -0.72
N ALA J 101 -21.62 -17.52 -1.14
CA ALA J 101 -22.68 -16.65 -1.61
C ALA J 101 -23.72 -16.34 -0.56
N LYS J 102 -23.86 -17.17 0.46
CA LYS J 102 -24.90 -16.96 1.47
C LYS J 102 -24.57 -15.77 2.37
N THR J 103 -25.63 -15.03 2.73
CA THR J 103 -25.53 -13.89 3.61
C THR J 103 -26.46 -13.98 4.80
N GLY J 104 -27.34 -14.99 4.84
CA GLY J 104 -28.33 -15.15 5.90
C GLY J 104 -29.66 -14.48 5.67
N ASN J 105 -29.84 -13.72 4.60
CA ASN J 105 -31.11 -13.07 4.31
C ASN J 105 -31.68 -13.63 3.01
N GLN J 106 -33.02 -13.61 2.91
CA GLN J 106 -33.70 -14.13 1.74
C GLN J 106 -33.23 -13.40 0.48
N GLY J 107 -33.13 -14.16 -0.61
CA GLY J 107 -32.58 -13.67 -1.86
C GLY J 107 -31.14 -14.02 -2.09
N ASP J 108 -30.58 -14.96 -1.32
CA ASP J 108 -29.18 -15.32 -1.48
C ASP J 108 -28.93 -16.01 -2.81
N GLY J 109 -29.93 -16.68 -3.36
CA GLY J 109 -29.86 -17.29 -4.67
C GLY J 109 -30.09 -18.79 -4.59
N LYS J 110 -29.93 -19.43 -5.75
CA LYS J 110 -30.15 -20.86 -5.89
C LYS J 110 -29.08 -21.45 -6.80
N VAL J 111 -28.88 -22.75 -6.68
CA VAL J 111 -27.98 -23.50 -7.56
C VAL J 111 -28.78 -24.58 -8.24
N PHE J 112 -28.65 -24.67 -9.57
CA PHE J 112 -29.34 -25.68 -10.36
C PHE J 112 -28.33 -26.58 -11.03
N ILE J 113 -28.64 -27.87 -11.10
CA ILE J 113 -27.82 -28.87 -11.76
C ILE J 113 -28.57 -29.36 -13.00
N ILE J 114 -27.97 -29.17 -14.16
CA ILE J 114 -28.61 -29.51 -15.43
C ILE J 114 -27.74 -30.55 -16.14
N PRO J 115 -28.33 -31.60 -16.71
CA PRO J 115 -27.51 -32.59 -17.41
C PRO J 115 -26.90 -32.03 -18.69
N VAL J 116 -25.69 -32.44 -18.99
CA VAL J 116 -25.00 -32.10 -20.22
C VAL J 116 -24.64 -33.40 -20.92
N GLU J 117 -25.17 -33.59 -22.13
CA GLU J 117 -25.00 -34.85 -22.85
C GLU J 117 -23.73 -34.90 -23.69
N GLU J 118 -23.13 -33.75 -24.00
CA GLU J 118 -21.90 -33.73 -24.76
C GLU J 118 -21.22 -32.38 -24.56
N VAL J 119 -19.89 -32.42 -24.57
CA VAL J 119 -19.05 -31.23 -24.50
C VAL J 119 -18.03 -31.33 -25.62
N VAL J 120 -17.84 -30.26 -26.38
CA VAL J 120 -16.90 -30.23 -27.49
C VAL J 120 -16.02 -29.00 -27.35
N ARG J 121 -14.70 -29.19 -27.48
CA ARG J 121 -13.75 -28.08 -27.44
C ARG J 121 -13.62 -27.51 -28.85
N VAL J 122 -13.86 -26.21 -28.98
CA VAL J 122 -13.88 -25.59 -30.30
C VAL J 122 -12.50 -25.70 -30.96
N ARG J 123 -11.44 -25.46 -30.19
CA ARG J 123 -10.11 -25.34 -30.76
C ARG J 123 -9.65 -26.64 -31.41
N THR J 124 -9.91 -27.78 -30.76
CA THR J 124 -9.42 -29.06 -31.23
C THR J 124 -10.53 -30.02 -31.64
N LYS J 125 -11.79 -29.68 -31.42
CA LYS J 125 -12.91 -30.56 -31.69
C LYS J 125 -12.93 -31.78 -30.78
N GLU J 126 -12.19 -31.72 -29.67
CA GLU J 126 -12.23 -32.80 -28.70
C GLU J 126 -13.57 -32.81 -27.98
N ARG J 127 -14.09 -34.00 -27.73
CA ARG J 127 -15.41 -34.20 -27.16
C ARG J 127 -15.27 -34.98 -25.86
N GLY J 128 -16.31 -34.94 -25.04
CA GLY J 128 -16.35 -35.73 -23.83
C GLY J 128 -15.81 -34.98 -22.62
N ARG J 129 -15.35 -35.76 -21.65
CA ARG J 129 -14.84 -35.18 -20.41
C ARG J 129 -13.40 -34.71 -20.56
N GLY J 130 -12.65 -35.27 -21.50
CA GLY J 130 -11.39 -34.68 -21.89
C GLY J 130 -11.50 -33.19 -22.20
N ALA J 131 -12.61 -32.77 -22.80
CA ALA J 131 -12.75 -31.39 -23.23
C ALA J 131 -13.35 -30.49 -22.16
N ILE J 132 -13.59 -30.98 -20.95
CA ILE J 132 -14.00 -30.12 -19.85
C ILE J 132 -12.80 -29.30 -19.38
N SER K 19 -36.94 -36.88 -10.97
CA SER K 19 -36.55 -35.57 -10.38
C SER K 19 -37.79 -34.68 -10.24
N HIS K 20 -38.73 -34.79 -11.17
CA HIS K 20 -39.96 -33.99 -11.14
C HIS K 20 -39.67 -32.51 -10.93
N MET K 21 -38.51 -32.07 -11.43
CA MET K 21 -38.04 -30.66 -11.36
C MET K 21 -37.66 -30.22 -12.79
N LYS K 22 -38.22 -29.10 -13.27
CA LYS K 22 -37.96 -28.68 -14.64
C LYS K 22 -37.63 -27.19 -14.67
N LYS K 23 -36.87 -26.80 -15.68
CA LYS K 23 -36.57 -25.41 -15.95
C LYS K 23 -37.37 -24.96 -17.17
N VAL K 24 -38.14 -23.88 -17.01
CA VAL K 24 -38.90 -23.29 -18.10
C VAL K 24 -38.13 -22.10 -18.62
N GLU K 25 -37.65 -22.20 -19.86
CA GLU K 25 -36.85 -21.15 -20.53
C GLU K 25 -37.65 -20.61 -21.71
N ALA K 26 -38.00 -19.33 -21.68
CA ALA K 26 -38.81 -18.77 -22.78
C ALA K 26 -38.13 -17.54 -23.38
N ILE K 27 -38.14 -17.43 -24.72
CA ILE K 27 -37.59 -16.23 -25.41
C ILE K 27 -38.87 -15.46 -25.79
N ILE K 28 -38.93 -14.17 -25.47
CA ILE K 28 -40.21 -13.44 -25.69
C ILE K 28 -39.82 -12.03 -26.14
N ARG K 29 -40.77 -11.34 -26.74
CA ARG K 29 -40.55 -9.96 -27.15
C ARG K 29 -40.36 -9.09 -25.91
N PRO K 30 -39.45 -8.12 -25.96
CA PRO K 30 -39.24 -7.27 -24.76
C PRO K 30 -40.49 -6.55 -24.30
N GLU K 31 -41.37 -6.14 -25.21
CA GLU K 31 -42.58 -5.41 -24.84
C GLU K 31 -43.64 -6.29 -24.20
N ARG K 32 -43.42 -7.59 -24.07
CA ARG K 32 -44.37 -8.50 -23.45
C ARG K 32 -43.91 -8.98 -22.08
N LEU K 33 -42.82 -8.43 -21.55
CA LEU K 33 -42.28 -8.91 -20.28
C LEU K 33 -43.23 -8.62 -19.14
N ASP K 34 -43.60 -7.36 -18.97
CA ASP K 34 -44.50 -6.94 -17.87
C ASP K 34 -45.76 -7.81 -17.83
N ILE K 35 -46.44 -7.97 -18.97
CA ILE K 35 -47.70 -8.70 -19.00
C ILE K 35 -47.47 -10.17 -18.69
N VAL K 36 -46.39 -10.75 -19.21
CA VAL K 36 -46.07 -12.13 -18.89
C VAL K 36 -45.61 -12.24 -17.45
N LYS K 37 -44.75 -11.32 -17.02
CA LYS K 37 -44.30 -11.31 -15.63
C LYS K 37 -45.48 -11.23 -14.69
N ASN K 38 -46.33 -10.22 -14.86
CA ASN K 38 -47.43 -10.00 -13.94
C ASN K 38 -48.41 -11.17 -13.93
N SER K 39 -48.61 -11.81 -15.09
CA SER K 39 -49.52 -12.94 -15.14
C SER K 39 -49.02 -14.11 -14.32
N LEU K 40 -47.72 -14.39 -14.39
CA LEU K 40 -47.16 -15.53 -13.64
C LEU K 40 -47.19 -15.28 -12.14
N THR K 41 -46.80 -14.07 -11.71
CA THR K 41 -46.85 -13.76 -10.28
C THR K 41 -48.27 -13.90 -9.76
N ASP K 42 -49.26 -13.47 -10.55
CA ASP K 42 -50.65 -13.61 -10.14
C ASP K 42 -51.03 -15.07 -9.91
N ALA K 43 -50.42 -15.99 -10.66
CA ALA K 43 -50.68 -17.41 -10.52
C ALA K 43 -49.82 -18.06 -9.44
N GLY K 44 -49.01 -17.27 -8.73
CA GLY K 44 -48.17 -17.80 -7.68
C GLY K 44 -46.79 -18.23 -8.11
N TYR K 45 -46.36 -17.87 -9.31
CA TYR K 45 -45.04 -18.22 -9.83
C TYR K 45 -44.18 -16.95 -9.80
N VAL K 46 -43.44 -16.77 -8.71
CA VAL K 46 -42.66 -15.57 -8.52
C VAL K 46 -41.17 -15.79 -8.75
N GLY K 47 -40.66 -16.99 -8.45
CA GLY K 47 -39.26 -17.29 -8.65
C GLY K 47 -38.90 -17.40 -10.11
N MET K 48 -38.23 -16.37 -10.64
CA MET K 48 -37.94 -16.31 -12.06
C MET K 48 -36.71 -15.46 -12.29
N THR K 49 -35.91 -15.85 -13.30
CA THR K 49 -34.74 -15.10 -13.71
C THR K 49 -34.97 -14.53 -15.10
N VAL K 50 -34.60 -13.27 -15.28
CA VAL K 50 -34.84 -12.54 -16.52
C VAL K 50 -33.50 -12.04 -17.05
N SER K 51 -33.24 -12.27 -18.34
CA SER K 51 -31.96 -11.84 -18.97
C SER K 51 -32.23 -11.23 -20.35
N GLU K 52 -31.48 -10.17 -20.68
CA GLU K 52 -31.58 -9.48 -21.96
C GLU K 52 -30.70 -10.18 -22.98
N VAL K 53 -31.29 -10.56 -24.11
CA VAL K 53 -30.59 -11.28 -25.17
C VAL K 53 -30.99 -10.66 -26.53
N LYS K 54 -30.44 -11.22 -27.59
CA LYS K 54 -30.70 -10.76 -28.97
C LYS K 54 -31.09 -11.98 -29.80
N GLY K 55 -32.01 -11.79 -30.74
CA GLY K 55 -32.47 -12.87 -31.61
C GLY K 55 -32.95 -12.38 -32.96
N ASP K 74 -31.67 -9.10 -39.00
CA ASP K 74 -30.47 -9.44 -38.19
C ASP K 74 -30.89 -9.70 -36.75
N LEU K 75 -29.95 -9.62 -35.80
CA LEU K 75 -30.23 -9.86 -34.37
C LEU K 75 -31.12 -8.74 -33.82
N LEU K 76 -32.16 -9.11 -33.07
CA LEU K 76 -33.11 -8.11 -32.52
C LEU K 76 -33.20 -8.32 -31.00
N PRO K 77 -33.39 -7.27 -30.19
CA PRO K 77 -33.45 -7.44 -28.74
C PRO K 77 -34.60 -8.38 -28.35
N LYS K 78 -34.32 -9.31 -27.45
CA LYS K 78 -35.32 -10.28 -26.95
C LYS K 78 -35.15 -10.45 -25.44
N ILE K 79 -36.12 -11.10 -24.80
CA ILE K 79 -36.07 -11.31 -23.36
C ILE K 79 -36.14 -12.80 -23.08
N LYS K 80 -35.18 -13.29 -22.28
CA LYS K 80 -35.19 -14.67 -21.80
C LYS K 80 -35.61 -14.67 -20.34
N ILE K 81 -36.62 -15.48 -20.01
CA ILE K 81 -37.07 -15.69 -18.65
C ILE K 81 -36.90 -17.16 -18.32
N GLU K 82 -36.40 -17.44 -17.12
CA GLU K 82 -36.16 -18.80 -16.67
C GLU K 82 -36.84 -19.03 -15.34
N LEU K 83 -37.60 -20.12 -15.23
CA LEU K 83 -38.24 -20.53 -14.00
C LEU K 83 -37.96 -22.01 -13.79
N VAL K 84 -37.37 -22.35 -12.65
CA VAL K 84 -37.18 -23.73 -12.23
C VAL K 84 -38.31 -24.07 -11.26
N VAL K 85 -39.15 -25.04 -11.64
CA VAL K 85 -40.39 -25.30 -10.94
C VAL K 85 -40.62 -26.81 -10.84
N LYS K 86 -41.64 -27.18 -10.08
CA LYS K 86 -42.07 -28.58 -10.04
C LYS K 86 -42.70 -28.97 -11.36
N GLU K 87 -42.48 -30.21 -11.78
CA GLU K 87 -42.95 -30.67 -13.08
C GLU K 87 -44.45 -30.44 -13.24
N GLU K 88 -45.22 -30.63 -12.17
CA GLU K 88 -46.67 -30.55 -12.29
C GLU K 88 -47.15 -29.14 -12.64
N ASP K 89 -46.32 -28.12 -12.42
CA ASP K 89 -46.69 -26.75 -12.75
C ASP K 89 -46.29 -26.36 -14.16
N VAL K 90 -45.55 -27.22 -14.88
CA VAL K 90 -44.96 -26.81 -16.15
C VAL K 90 -46.04 -26.41 -17.15
N GLU K 91 -47.05 -27.26 -17.32
CA GLU K 91 -48.06 -26.99 -18.35
C GLU K 91 -48.78 -25.67 -18.09
N LYS K 92 -49.16 -25.42 -16.84
CA LYS K 92 -49.79 -24.15 -16.50
C LYS K 92 -48.87 -22.98 -16.82
N ILE K 93 -47.58 -23.09 -16.48
CA ILE K 93 -46.68 -21.98 -16.78
C ILE K 93 -46.57 -21.78 -18.29
N ILE K 94 -46.52 -22.88 -19.04
CA ILE K 94 -46.49 -22.77 -20.50
C ILE K 94 -47.71 -22.02 -20.99
N ASP K 95 -48.89 -22.37 -20.48
CA ASP K 95 -50.12 -21.71 -20.91
C ASP K 95 -49.98 -20.22 -20.65
N ILE K 96 -49.70 -19.84 -19.40
CA ILE K 96 -49.63 -18.42 -19.06
C ILE K 96 -48.70 -17.65 -19.98
N ILE K 97 -47.49 -18.18 -20.18
CA ILE K 97 -46.51 -17.51 -21.03
C ILE K 97 -47.04 -17.39 -22.45
N CYS K 98 -47.53 -18.48 -23.02
CA CYS K 98 -47.99 -18.44 -24.43
C CYS K 98 -49.10 -17.40 -24.63
N GLU K 99 -50.05 -17.33 -23.71
CA GLU K 99 -51.23 -16.41 -23.84
C GLU K 99 -50.82 -14.94 -23.65
N ASN K 100 -49.83 -14.65 -22.81
CA ASN K 100 -49.43 -13.25 -22.53
C ASN K 100 -48.26 -12.78 -23.40
N ALA K 101 -47.53 -13.70 -24.02
CA ALA K 101 -46.43 -13.29 -24.87
C ALA K 101 -46.82 -13.16 -26.34
N LYS K 102 -47.87 -13.87 -26.77
CA LYS K 102 -48.24 -13.87 -28.18
C LYS K 102 -48.83 -12.53 -28.61
N THR K 103 -48.51 -12.15 -29.84
CA THR K 103 -49.01 -10.92 -30.45
C THR K 103 -49.66 -11.14 -31.80
N GLY K 104 -49.58 -12.34 -32.36
CA GLY K 104 -50.09 -12.62 -33.69
C GLY K 104 -49.10 -12.42 -34.81
N ASN K 105 -47.90 -11.94 -34.52
CA ASN K 105 -46.87 -11.74 -35.53
C ASN K 105 -45.72 -12.70 -35.25
N GLN K 106 -45.05 -13.13 -36.32
CA GLN K 106 -43.92 -14.02 -36.17
C GLN K 106 -42.83 -13.35 -35.34
N GLY K 107 -42.15 -14.15 -34.53
CA GLY K 107 -41.17 -13.67 -33.58
C GLY K 107 -41.68 -13.56 -32.16
N ASP K 108 -42.83 -14.18 -31.87
CA ASP K 108 -43.43 -14.12 -30.51
C ASP K 108 -42.51 -14.84 -29.52
N GLY K 109 -41.79 -15.87 -29.99
CA GLY K 109 -40.84 -16.59 -29.18
C GLY K 109 -41.19 -18.07 -29.06
N LYS K 110 -40.42 -18.74 -28.21
CA LYS K 110 -40.60 -20.17 -27.96
C LYS K 110 -40.41 -20.41 -26.47
N VAL K 111 -40.94 -21.53 -26.00
CA VAL K 111 -40.78 -21.97 -24.61
C VAL K 111 -40.08 -23.32 -24.62
N PHE K 112 -39.04 -23.45 -23.81
CA PHE K 112 -38.27 -24.69 -23.72
C PHE K 112 -38.40 -25.27 -22.33
N ILE K 113 -38.52 -26.61 -22.27
CA ILE K 113 -38.56 -27.34 -21.01
C ILE K 113 -37.28 -28.16 -20.92
N ILE K 114 -36.47 -27.89 -19.89
CA ILE K 114 -35.18 -28.54 -19.72
C ILE K 114 -35.15 -29.27 -18.39
N PRO K 115 -34.60 -30.48 -18.33
CA PRO K 115 -34.56 -31.19 -17.04
C PRO K 115 -33.61 -30.52 -16.05
N VAL K 116 -34.01 -30.51 -14.79
CA VAL K 116 -33.19 -30.04 -13.68
C VAL K 116 -33.07 -31.18 -12.68
N GLU K 117 -31.84 -31.61 -12.42
CA GLU K 117 -31.62 -32.78 -11.58
C GLU K 117 -31.58 -32.46 -10.10
N GLU K 118 -31.28 -31.21 -9.72
CA GLU K 118 -31.26 -30.83 -8.32
C GLU K 118 -31.34 -29.32 -8.21
N VAL K 119 -31.95 -28.86 -7.13
CA VAL K 119 -32.04 -27.43 -6.80
C VAL K 119 -31.60 -27.27 -5.36
N VAL K 120 -30.73 -26.28 -5.11
CA VAL K 120 -30.17 -26.04 -3.78
C VAL K 120 -30.36 -24.57 -3.44
N ARG K 121 -30.85 -24.32 -2.23
CA ARG K 121 -31.02 -22.95 -1.74
C ARG K 121 -29.72 -22.47 -1.10
N VAL K 122 -29.21 -21.34 -1.58
CA VAL K 122 -27.91 -20.86 -1.13
C VAL K 122 -27.95 -20.52 0.36
N ARG K 123 -29.01 -19.87 0.81
CA ARG K 123 -29.03 -19.32 2.17
C ARG K 123 -28.94 -20.42 3.21
N THR K 124 -29.69 -21.50 3.02
CA THR K 124 -29.78 -22.56 4.02
C THR K 124 -29.23 -23.90 3.55
N LYS K 125 -28.83 -24.02 2.29
CA LYS K 125 -28.37 -25.28 1.71
C LYS K 125 -29.48 -26.31 1.61
N GLU K 126 -30.74 -25.86 1.67
CA GLU K 126 -31.87 -26.77 1.49
C GLU K 126 -31.90 -27.26 0.05
N ARG K 127 -32.20 -28.54 -0.12
CA ARG K 127 -32.13 -29.20 -1.41
C ARG K 127 -33.48 -29.80 -1.77
N GLY K 128 -33.63 -30.14 -3.05
CA GLY K 128 -34.82 -30.82 -3.51
C GLY K 128 -35.89 -29.85 -3.99
N ARG K 129 -37.12 -30.38 -3.97
CA ARG K 129 -38.35 -29.64 -4.37
C ARG K 129 -38.59 -28.54 -3.33
N GLY K 130 -38.43 -28.87 -2.05
CA GLY K 130 -38.57 -27.87 -1.00
C GLY K 130 -37.79 -26.60 -1.30
N ALA K 131 -36.71 -26.70 -2.06
CA ALA K 131 -35.87 -25.54 -2.32
C ALA K 131 -36.32 -24.76 -3.55
N ILE K 132 -37.44 -25.18 -4.16
CA ILE K 132 -37.99 -24.50 -5.36
C ILE K 132 -38.78 -23.26 -4.92
N GLY L 18 -34.54 -39.62 -24.58
CA GLY L 18 -35.03 -39.38 -25.95
C GLY L 18 -35.51 -37.95 -26.16
N SER L 19 -36.63 -37.81 -26.89
CA SER L 19 -37.40 -36.59 -27.29
C SER L 19 -36.87 -35.99 -28.61
N HIS L 20 -35.67 -36.42 -29.01
CA HIS L 20 -35.02 -36.00 -30.27
C HIS L 20 -34.89 -34.47 -30.36
N MET L 21 -34.94 -33.76 -29.24
CA MET L 21 -34.74 -32.29 -29.25
C MET L 21 -33.57 -31.99 -28.31
N LYS L 22 -32.63 -31.15 -28.74
CA LYS L 22 -31.45 -30.83 -27.89
C LYS L 22 -31.15 -29.33 -27.94
N LYS L 23 -30.55 -28.80 -26.88
CA LYS L 23 -30.16 -27.39 -26.87
C LYS L 23 -28.65 -27.30 -27.09
N VAL L 24 -28.24 -26.60 -28.14
CA VAL L 24 -26.83 -26.38 -28.42
C VAL L 24 -26.45 -25.04 -27.81
N GLU L 25 -25.58 -25.07 -26.80
CA GLU L 25 -25.12 -23.87 -26.10
C GLU L 25 -23.62 -23.76 -26.28
N ALA L 26 -23.18 -22.71 -26.98
CA ALA L 26 -21.77 -22.52 -27.29
C ALA L 26 -21.29 -21.16 -26.77
N ILE L 27 -20.12 -21.18 -26.15
CA ILE L 27 -19.41 -19.97 -25.72
C ILE L 27 -18.26 -19.77 -26.69
N ILE L 28 -18.23 -18.63 -27.37
CA ILE L 28 -17.25 -18.36 -28.41
C ILE L 28 -16.71 -16.94 -28.25
N ARG L 29 -15.69 -16.64 -29.04
CA ARG L 29 -15.09 -15.31 -29.02
C ARG L 29 -16.03 -14.30 -29.67
N PRO L 30 -16.13 -13.09 -29.12
CA PRO L 30 -17.01 -12.08 -29.76
C PRO L 30 -16.63 -11.80 -31.20
N GLU L 31 -15.34 -11.85 -31.54
CA GLU L 31 -14.90 -11.57 -32.89
C GLU L 31 -15.23 -12.69 -33.88
N ARG L 32 -15.80 -13.80 -33.43
CA ARG L 32 -16.19 -14.91 -34.29
C ARG L 32 -17.70 -15.06 -34.40
N LEU L 33 -18.46 -14.12 -33.82
CA LEU L 33 -19.91 -14.27 -33.81
C LEU L 33 -20.50 -14.18 -35.22
N ASP L 34 -20.14 -13.12 -35.95
CA ASP L 34 -20.73 -12.91 -37.27
C ASP L 34 -20.46 -14.10 -38.19
N ILE L 35 -19.22 -14.58 -38.23
CA ILE L 35 -18.89 -15.69 -39.12
C ILE L 35 -19.63 -16.95 -38.68
N VAL L 36 -19.73 -17.17 -37.36
CA VAL L 36 -20.46 -18.35 -36.88
C VAL L 36 -21.96 -18.18 -37.10
N LYS L 37 -22.49 -16.99 -36.79
CA LYS L 37 -23.90 -16.73 -37.02
C LYS L 37 -24.27 -16.93 -38.47
N ASN L 38 -23.56 -16.25 -39.38
CA ASN L 38 -23.89 -16.32 -40.80
C ASN L 38 -23.71 -17.74 -41.34
N SER L 39 -22.71 -18.46 -40.85
CA SER L 39 -22.51 -19.83 -41.31
C SER L 39 -23.70 -20.71 -40.95
N LEU L 40 -24.23 -20.53 -39.73
CA LEU L 40 -25.40 -21.31 -39.34
C LEU L 40 -26.62 -20.89 -40.14
N THR L 41 -26.80 -19.58 -40.33
CA THR L 41 -27.93 -19.11 -41.15
C THR L 41 -27.84 -19.67 -42.56
N ASP L 42 -26.64 -19.71 -43.14
CA ASP L 42 -26.49 -20.25 -44.48
C ASP L 42 -26.89 -21.72 -44.54
N ALA L 43 -26.71 -22.46 -43.46
CA ALA L 43 -27.04 -23.88 -43.42
C ALA L 43 -28.50 -24.12 -43.04
N GLY L 44 -29.29 -23.06 -42.85
CA GLY L 44 -30.68 -23.22 -42.50
C GLY L 44 -30.98 -23.26 -41.02
N TYR L 45 -30.04 -22.88 -40.17
CA TYR L 45 -30.22 -22.88 -38.72
C TYR L 45 -30.36 -21.42 -38.30
N VAL L 46 -31.59 -20.94 -38.23
CA VAL L 46 -31.86 -19.54 -37.96
C VAL L 46 -32.33 -19.30 -36.53
N GLY L 47 -33.04 -20.24 -35.93
CA GLY L 47 -33.49 -20.08 -34.56
C GLY L 47 -32.33 -20.15 -33.58
N MET L 48 -31.91 -19.00 -33.07
CA MET L 48 -30.74 -18.92 -32.22
C MET L 48 -30.84 -17.69 -31.33
N THR L 49 -30.37 -17.83 -30.09
CA THR L 49 -30.33 -16.73 -29.14
C THR L 49 -28.87 -16.38 -28.85
N VAL L 50 -28.56 -15.08 -28.82
CA VAL L 50 -27.21 -14.59 -28.64
C VAL L 50 -27.19 -13.70 -27.41
N SER L 51 -26.20 -13.93 -26.54
CA SER L 51 -26.09 -13.16 -25.28
C SER L 51 -24.63 -12.88 -24.94
N GLU L 52 -24.36 -11.69 -24.39
CA GLU L 52 -23.02 -11.27 -23.98
C GLU L 52 -22.73 -11.77 -22.58
N VAL L 53 -21.61 -12.51 -22.43
CA VAL L 53 -21.14 -13.07 -21.13
C VAL L 53 -19.62 -12.89 -21.03
N LYS L 54 -19.06 -13.00 -19.82
CA LYS L 54 -17.59 -12.95 -19.61
C LYS L 54 -17.12 -14.26 -18.99
N GLY L 55 -16.06 -14.86 -19.56
CA GLY L 55 -15.52 -16.14 -19.04
C GLY L 55 -14.01 -16.21 -19.14
N ARG L 56 -13.41 -17.25 -18.54
CA ARG L 56 -11.97 -17.45 -18.55
C ARG L 56 -11.66 -18.93 -18.38
N ASP L 74 -8.67 -11.63 -15.40
CA ASP L 74 -10.03 -11.28 -15.02
C ASP L 74 -11.03 -12.00 -15.92
N LEU L 75 -12.16 -11.35 -16.19
CA LEU L 75 -13.27 -11.96 -16.93
C LEU L 75 -13.40 -11.25 -18.27
N LEU L 76 -12.89 -11.91 -19.36
CA LEU L 76 -12.86 -11.30 -20.67
C LEU L 76 -14.17 -11.55 -21.42
N PRO L 77 -14.58 -10.61 -22.26
CA PRO L 77 -15.89 -10.74 -22.92
C PRO L 77 -15.96 -11.96 -23.84
N LYS L 78 -17.09 -12.67 -23.73
CA LYS L 78 -17.39 -13.82 -24.57
C LYS L 78 -18.81 -13.67 -25.10
N ILE L 79 -19.19 -14.54 -26.03
CA ILE L 79 -20.52 -14.55 -26.62
C ILE L 79 -21.12 -15.95 -26.43
N LYS L 80 -22.35 -15.99 -25.94
CA LYS L 80 -23.09 -17.24 -25.82
C LYS L 80 -24.14 -17.33 -26.92
N ILE L 81 -24.14 -18.45 -27.64
CA ILE L 81 -25.14 -18.73 -28.66
C ILE L 81 -25.91 -19.98 -28.23
N GLU L 82 -27.23 -19.92 -28.37
CA GLU L 82 -28.10 -21.03 -28.00
C GLU L 82 -29.00 -21.38 -29.18
N LEU L 83 -29.03 -22.67 -29.51
CA LEU L 83 -29.85 -23.19 -30.62
C LEU L 83 -30.64 -24.40 -30.11
N VAL L 84 -31.96 -24.31 -30.07
CA VAL L 84 -32.78 -25.50 -29.69
C VAL L 84 -33.17 -26.15 -31.01
N VAL L 85 -32.69 -27.37 -31.26
CA VAL L 85 -32.83 -28.04 -32.59
C VAL L 85 -33.16 -29.52 -32.40
N LYS L 86 -33.41 -30.18 -33.54
CA LYS L 86 -33.69 -31.63 -33.61
C LYS L 86 -32.36 -32.35 -33.32
N GLU L 87 -32.43 -33.52 -32.70
CA GLU L 87 -31.21 -34.28 -32.30
C GLU L 87 -30.33 -34.58 -33.53
N GLU L 88 -30.93 -34.89 -34.66
CA GLU L 88 -30.24 -35.24 -35.93
C GLU L 88 -29.35 -34.10 -36.42
N ASP L 89 -29.73 -32.85 -36.21
CA ASP L 89 -28.96 -31.68 -36.72
C ASP L 89 -27.85 -31.24 -35.76
N VAL L 90 -27.68 -31.88 -34.61
CA VAL L 90 -26.69 -31.41 -33.67
C VAL L 90 -25.28 -31.53 -34.26
N GLU L 91 -24.95 -32.70 -34.79
CA GLU L 91 -23.59 -32.95 -35.25
C GLU L 91 -23.17 -31.94 -36.31
N LYS L 92 -24.07 -31.65 -37.25
CA LYS L 92 -23.78 -30.63 -38.26
C LYS L 92 -23.50 -29.28 -37.60
N ILE L 93 -24.32 -28.90 -36.62
CA ILE L 93 -24.16 -27.60 -35.98
C ILE L 93 -22.85 -27.55 -35.19
N ILE L 94 -22.50 -28.63 -34.51
CA ILE L 94 -21.22 -28.65 -33.77
C ILE L 94 -20.08 -28.39 -34.77
N ASP L 95 -20.14 -29.00 -35.95
CA ASP L 95 -19.09 -28.82 -36.98
C ASP L 95 -19.05 -27.36 -37.44
N ILE L 96 -20.21 -26.76 -37.71
CA ILE L 96 -20.22 -25.37 -38.23
C ILE L 96 -19.67 -24.43 -37.16
N ILE L 97 -20.09 -24.61 -35.91
CA ILE L 97 -19.60 -23.73 -34.83
C ILE L 97 -18.10 -23.96 -34.64
N CYS L 98 -17.67 -25.22 -34.60
CA CYS L 98 -16.23 -25.48 -34.41
C CYS L 98 -15.44 -24.96 -35.61
N GLU L 99 -15.90 -25.20 -36.84
CA GLU L 99 -15.13 -24.77 -38.04
C GLU L 99 -14.96 -23.24 -38.08
N ASN L 100 -15.99 -22.49 -37.72
CA ASN L 100 -15.95 -21.01 -37.84
C ASN L 100 -15.52 -20.28 -36.56
N ALA L 101 -15.50 -20.95 -35.42
CA ALA L 101 -15.11 -20.23 -34.18
C ALA L 101 -13.69 -20.61 -33.79
N LYS L 102 -13.18 -21.71 -34.31
CA LYS L 102 -11.79 -22.12 -33.95
C LYS L 102 -10.77 -21.15 -34.57
N THR L 103 -9.78 -20.70 -33.77
CA THR L 103 -8.76 -19.79 -34.25
C THR L 103 -7.35 -20.33 -34.09
N GLY L 104 -7.15 -21.45 -33.41
CA GLY L 104 -5.83 -21.95 -33.14
C GLY L 104 -5.22 -21.43 -31.86
N ASN L 105 -5.91 -20.54 -31.15
CA ASN L 105 -5.41 -19.95 -29.92
C ASN L 105 -6.25 -20.46 -28.75
N GLN L 106 -5.60 -20.54 -27.59
CA GLN L 106 -6.27 -20.99 -26.34
C GLN L 106 -7.43 -20.04 -26.03
N GLY L 107 -8.58 -20.60 -25.63
CA GLY L 107 -9.76 -19.80 -25.34
C GLY L 107 -10.80 -19.74 -26.44
N ASP L 108 -10.74 -20.65 -27.42
CA ASP L 108 -11.69 -20.57 -28.53
C ASP L 108 -13.12 -20.83 -28.07
N GLY L 109 -13.31 -21.56 -26.99
CA GLY L 109 -14.62 -21.77 -26.42
C GLY L 109 -15.00 -23.24 -26.38
N LYS L 110 -16.25 -23.49 -26.01
CA LYS L 110 -16.77 -24.83 -25.88
C LYS L 110 -18.20 -24.87 -26.44
N VAL L 111 -18.63 -26.08 -26.80
CA VAL L 111 -20.00 -26.32 -27.24
C VAL L 111 -20.63 -27.33 -26.29
N PHE L 112 -21.82 -27.02 -25.80
CA PHE L 112 -22.54 -27.89 -24.88
C PHE L 112 -23.85 -28.35 -25.51
N ILE L 113 -24.19 -29.63 -25.28
CA ILE L 113 -25.44 -30.21 -25.72
C ILE L 113 -26.26 -30.54 -24.47
N ILE L 114 -27.43 -29.92 -24.36
CA ILE L 114 -28.30 -30.10 -23.19
C ILE L 114 -29.64 -30.63 -23.69
N PRO L 115 -30.22 -31.63 -23.04
CA PRO L 115 -31.50 -32.17 -23.53
C PRO L 115 -32.65 -31.18 -23.31
N VAL L 116 -33.56 -31.15 -24.26
CA VAL L 116 -34.78 -30.36 -24.18
C VAL L 116 -35.95 -31.31 -24.35
N GLU L 117 -36.81 -31.39 -23.33
CA GLU L 117 -37.90 -32.36 -23.32
C GLU L 117 -39.16 -31.86 -24.01
N GLU L 118 -39.29 -30.54 -24.20
CA GLU L 118 -40.45 -30.00 -24.89
C GLU L 118 -40.12 -28.60 -25.40
N VAL L 119 -40.68 -28.28 -26.56
CA VAL L 119 -40.56 -26.95 -27.16
C VAL L 119 -41.95 -26.51 -27.61
N VAL L 120 -42.32 -25.28 -27.30
CA VAL L 120 -43.63 -24.75 -27.64
C VAL L 120 -43.46 -23.41 -28.35
N ARG L 121 -44.17 -23.24 -29.46
CA ARG L 121 -44.17 -21.98 -30.19
C ARG L 121 -45.23 -21.07 -29.60
N VAL L 122 -44.82 -19.87 -29.20
CA VAL L 122 -45.72 -18.98 -28.47
C VAL L 122 -46.91 -18.57 -29.33
N ARG L 123 -46.64 -18.26 -30.61
CA ARG L 123 -47.69 -17.75 -31.54
C ARG L 123 -48.86 -18.72 -31.74
N THR L 124 -48.59 -19.97 -32.12
CA THR L 124 -49.68 -20.95 -32.43
C THR L 124 -49.77 -22.08 -31.39
N LYS L 125 -48.97 -22.01 -30.33
CA LYS L 125 -48.95 -23.02 -29.23
C LYS L 125 -48.62 -24.41 -29.80
N GLU L 126 -48.12 -24.44 -31.04
CA GLU L 126 -47.66 -25.69 -31.70
C GLU L 126 -46.50 -26.21 -30.86
N ARG L 127 -46.45 -27.51 -30.57
CA ARG L 127 -45.33 -28.00 -29.75
C ARG L 127 -44.71 -29.25 -30.38
N GLY L 128 -43.45 -29.49 -30.02
CA GLY L 128 -42.69 -30.64 -30.44
C GLY L 128 -41.84 -30.41 -31.67
N ARG L 129 -41.37 -31.52 -32.23
CA ARG L 129 -40.51 -31.48 -33.40
C ARG L 129 -41.26 -31.61 -34.72
N GLY L 130 -42.42 -32.25 -34.73
CA GLY L 130 -43.24 -32.33 -35.92
C GLY L 130 -42.88 -33.55 -36.73
N ALA L 131 -43.74 -33.88 -37.70
CA ALA L 131 -43.53 -35.11 -38.45
C ALA L 131 -42.67 -34.93 -39.70
N ILE L 132 -42.14 -33.74 -39.95
CA ILE L 132 -41.18 -33.57 -41.05
C ILE L 132 -39.85 -34.18 -40.64
#